data_6JFI
#
_entry.id   6JFI
#
_cell.length_a   1
_cell.length_b   1
_cell.length_c   1
_cell.angle_alpha   90
_cell.angle_beta   90
_cell.angle_gamma   90
#
_symmetry.space_group_name_H-M   'P 1'
#
loop_
_entity.id
_entity.type
_entity.pdbx_description
1 polymer 'ZIKV structural protein E'
2 polymer 'strutural protein M'
3 polymer 'FabZK2B10 heavy chain'
4 polymer 'FabZK2B10 light chain'
#
loop_
_entity_poly.entity_id
_entity_poly.type
_entity_poly.pdbx_seq_one_letter_code
_entity_poly.pdbx_strand_id
1 'polypeptide(L)'
;IRCIGVSNRDFVEGMSGGTWVDVVLEHGGCVTVMAQDKPTVDIELVTTTVSNMAEVRSYCYEASISDMASDSRCPTQGEA
YLDKQSDTQYVCKRTLVDRGWGNGCGLFGKGSLVTCAKFACSKKMTGKSIQPENLEYRIMLSVHGSQHSGMIVNDTGHET
DENRAKVEITPNSPRAEATLGGFGSLGLDCEPRTGLDFSDLYYLTMNNKHWLVHKEWFHDIPLPWHAGADTGTPHWNNKE
ALVEFKDAHAKRQTVVVLGSQEGAVHTALAGALEAEMDGAKGRLSSGHLKCRLKMDKLRLKGVSYSLCTAAFTFTKIPAE
TLHGTVTVEVQYAGTDGPCKVPAQMAVDMQTLTPVGRLITANPVITESTENSKMMLELDPPFGDSYIVIGVGEKKITHHW
HRSGSTIGKAFEATVRGAKRMAVLGDTAWDFGSVGGALNSLGKGIHQIFGAAFKSLFGGMSWFSQILIGTLLMWLGLNTK
NGSISLMCLALGGVLIFLSTA
;
A,C,E
2 'polypeptide(L)' AVTLPSHSTRKLQTRSQTWLESREYTKHLIRVENWIFRNPGFALAAAAIAWLLGSSTSQKVIYLVMILLIAPAYS B,D,F
3 'polypeptide(L)'
;EVQLVQSGAEVKKPGASVKVSCKASGYTFTSGHTFPSYDINWVRQATGQGLEWMGWMNPNRGNTGYAQKFQGRVTMTRNT
SINTAYMELSSLRSEDTAVYYCARVRSGTNYGSYYYYYYGMDVWGQGTTVTVSSASTKGPSVFPLAPSSKSTSGGTAALG
CLVKDYFPEPVTVSWNSGALTSGVHTFPAVLQSSGLYSLSSVVTVPSSSLGTQTYICNVNHKPSNTKVDKRVEPK
;
H,K
4 'polypeptide(L)'
;SYELTQPPSASGTPGQRVTISCSGSSSNIGNNYVHWYQQLPGSAPKLLIYRNNQRPSGVPDRFSGSKSGTSGSLAISGLR
SEDEADYYCASWDDSLSGHWVFGGGTKVTVLGQPKAAPSVTLFPPSSEELQANKATLVCLISDFYPGAVTVAWKADSSPV
KAGVETTTPSKQSNNKYAASSYLSLTPEQWKSHRSYSCQVTHEGSTVEKTVAPT
;
I,L
#
# COMPACT_ATOMS: atom_id res chain seq x y z
CA ILE A 1 -24.58 9.30 19.79
CA ARG A 2 -21.18 9.80 18.18
CA CYS A 3 -23.27 12.75 17.08
CA ILE A 4 -25.13 15.66 18.64
CA GLY A 5 -22.41 18.05 19.72
CA VAL A 6 -20.16 17.28 16.74
CA SER A 7 -21.77 20.37 15.13
CA ASN A 8 -20.93 19.27 11.59
CA ARG A 9 -24.17 17.52 10.82
CA ASP A 10 -25.61 15.72 7.84
CA PHE A 11 -29.08 14.25 7.92
CA VAL A 12 -29.82 11.80 5.14
CA GLU A 13 -33.47 10.94 4.65
CA GLY A 14 -33.78 7.44 3.25
CA MET A 15 -35.39 4.03 3.08
CA SER A 16 -36.33 3.90 -0.60
CA GLY A 17 -33.81 2.31 -2.95
CA GLY A 18 -34.03 -0.77 -0.74
CA THR A 19 -31.58 0.89 1.64
CA TRP A 20 -29.38 1.81 -1.31
CA VAL A 21 -28.62 5.13 0.43
CA ASP A 22 -25.13 6.36 -0.42
CA VAL A 23 -23.30 8.64 2.01
CA VAL A 24 -20.01 10.57 2.21
CA LEU A 25 -17.97 10.69 5.43
CA GLU A 26 -15.54 13.40 6.54
CA HIS A 27 -13.24 13.07 9.54
CA GLY A 28 -14.56 16.36 10.69
CA GLY A 29 -18.25 15.50 10.55
CA CYS A 30 -20.72 12.68 10.74
CA VAL A 31 -23.86 11.75 8.90
CA THR A 32 -26.90 10.30 10.66
CA VAL A 33 -29.08 7.96 8.64
CA MET A 34 -32.78 8.19 9.51
CA ALA A 35 -34.92 5.56 7.77
CA GLN A 36 -38.40 4.46 8.84
CA ASP A 37 -37.34 0.90 8.02
CA LYS A 38 -34.50 1.25 10.53
CA PRO A 39 -33.47 2.64 13.87
CA THR A 40 -31.60 5.83 13.27
CA VAL A 41 -27.96 4.94 12.79
CA ASP A 42 -25.11 7.35 13.48
CA ILE A 43 -22.02 6.97 11.30
CA GLU A 44 -18.79 8.83 11.85
CA LEU A 45 -15.29 8.38 10.53
CA VAL A 46 -12.51 8.44 13.08
CA THR A 47 -8.95 7.73 11.95
CA THR A 48 -7.52 6.65 8.61
CA THR A 49 -4.42 4.62 9.30
CA VAL A 50 -1.64 4.17 6.75
CA SER A 51 0.85 1.33 7.15
CA ASN A 52 3.80 -0.25 5.35
CA MET A 53 5.23 3.00 4.00
CA ALA A 54 8.48 3.18 2.02
CA GLU A 55 11.17 5.87 1.86
CA VAL A 56 11.59 8.16 -1.13
CA ARG A 57 14.50 10.57 -1.41
CA SER A 58 15.13 12.55 1.78
CA TYR A 59 16.71 15.93 2.50
CA CYS A 60 19.13 17.76 4.73
CA TYR A 61 17.55 20.34 6.99
CA GLU A 62 20.85 21.39 8.59
CA ALA A 63 24.15 21.48 6.75
CA SER A 64 27.53 21.19 8.42
CA ILE A 65 30.94 21.90 6.94
CA SER A 66 34.20 20.34 8.06
CA ASP A 67 37.60 20.90 6.45
CA MET A 68 38.20 23.80 4.08
CA ALA A 69 41.32 23.68 1.95
CA SER A 70 42.45 25.06 -1.38
CA ASP A 71 45.31 25.27 -3.85
CA SER A 72 46.08 27.33 -6.92
CA ARG A 73 48.31 26.71 -9.88
CA CYS A 74 49.04 30.35 -10.90
CA PRO A 75 48.19 31.84 -14.29
CA THR A 76 46.43 29.61 -16.82
CA GLN A 77 46.41 26.08 -15.42
CA GLY A 78 43.87 23.27 -15.06
CA GLU A 79 42.80 24.46 -11.62
CA ALA A 80 45.04 22.25 -9.54
CA TYR A 81 42.75 19.61 -8.15
CA LEU A 82 42.90 18.86 -4.48
CA ASP A 83 42.70 15.25 -3.42
CA LYS A 84 39.37 16.19 -1.88
CA GLN A 85 37.77 16.27 -5.34
CA SER A 86 38.05 12.51 -5.74
CA ASP A 87 36.02 11.45 -2.68
CA THR A 88 32.72 13.10 -3.61
CA GLN A 89 31.27 14.04 -0.23
CA TYR A 90 33.19 17.32 -0.71
CA VAL A 91 31.79 20.44 -2.26
CA CYS A 92 34.21 22.01 -4.71
CA LYS A 93 34.07 25.15 -6.82
CA ARG A 94 36.72 26.26 -9.30
CA THR A 95 36.91 30.02 -9.72
CA LEU A 96 39.21 32.58 -11.30
CA VAL A 97 41.35 34.73 -9.02
CA ASP A 98 44.14 37.24 -9.50
CA ARG A 99 47.53 36.09 -8.34
CA GLY A 100 49.88 39.00 -8.96
CA TRP A 101 53.63 38.85 -8.56
CA GLY A 102 54.16 38.59 -4.80
CA ASN A 103 51.22 36.26 -4.82
CA GLY A 104 54.22 34.17 -5.82
CA CYS A 105 54.19 33.94 -9.59
CA GLY A 106 54.56 36.17 -12.64
CA LEU A 107 51.69 37.45 -14.73
CA PHE A 108 49.80 38.60 -11.63
CA GLY A 109 47.06 37.95 -14.14
CA LYS A 110 44.08 35.72 -13.43
CA GLY A 111 44.78 32.24 -12.04
CA SER A 112 42.44 29.67 -10.59
CA LEU A 113 41.44 28.53 -7.11
CA VAL A 114 39.87 25.22 -6.18
CA THR A 115 38.35 25.20 -2.70
CA CYS A 116 36.78 22.11 -1.20
CA ALA A 117 35.03 21.22 2.02
CA LYS A 118 33.75 18.02 3.56
CA PHE A 119 29.98 18.08 3.71
CA ALA A 120 28.14 16.13 6.37
CA CYS A 121 24.43 16.49 6.98
CA SER A 122 22.82 17.13 10.34
CA LYS A 123 19.35 15.85 11.15
CA LYS A 124 17.39 15.13 7.94
CA MET A 125 13.90 15.05 6.51
CA THR A 126 12.80 11.85 4.81
CA GLY A 127 9.76 11.63 2.63
CA LYS A 128 7.80 8.42 2.57
CA SER A 129 5.49 6.98 -0.07
CA ILE A 130 1.87 6.05 0.60
CA GLN A 131 0.24 3.54 -1.67
CA PRO A 132 -3.47 2.77 -1.94
CA GLU A 133 -2.79 -0.79 -0.94
CA ASN A 134 -2.11 -1.29 2.78
CA LEU A 135 -4.44 1.65 3.39
CA GLU A 136 -6.98 1.27 6.18
CA TYR A 137 -9.93 3.13 7.65
CA ARG A 138 -11.83 3.13 10.90
CA ILE A 139 -15.55 3.83 11.07
CA MET A 140 -17.22 3.81 14.46
CA LEU A 141 -21.00 3.73 14.34
CA SER A 142 -23.77 3.87 16.92
CA VAL A 143 -27.55 3.85 17.15
CA HIS A 144 -29.64 6.38 19.04
CA GLY A 145 -32.46 4.44 20.69
CA SER A 146 -31.97 5.62 24.27
CA GLN A 147 -28.71 4.41 25.82
CA HIS A 148 -27.28 6.43 28.68
CA SER A 149 -26.52 9.92 27.44
CA GLY A 150 -23.29 9.80 29.41
CA MET A 151 -22.13 7.13 26.97
CA ILE A 152 -22.36 9.52 24.01
CA VAL A 153 -18.58 9.41 23.68
CA ASN A 154 -16.78 6.25 24.82
CA ASP A 155 -14.66 3.47 23.34
CA THR A 156 -14.84 0.81 26.06
CA GLY A 157 -17.67 -1.21 24.52
CA HIS A 158 -16.31 -0.91 20.99
CA GLU A 159 -17.02 -4.64 20.82
CA THR A 160 -20.13 -4.91 23.02
CA ASP A 161 -23.00 -2.96 24.62
CA GLU A 162 -25.95 -1.73 22.51
CA ASN A 163 -25.21 0.14 19.29
CA ARG A 164 -21.45 0.54 18.92
CA ALA A 165 -19.39 -1.34 16.34
CA LYS A 166 -15.93 -0.48 15.06
CA VAL A 167 -15.75 -1.20 11.37
CA GLU A 168 -12.51 -1.56 9.44
CA ILE A 169 -12.35 -0.86 5.71
CA THR A 170 -9.23 -1.52 3.66
CA PRO A 171 -8.76 -1.89 -0.10
CA ASN A 172 -8.89 -5.69 -0.46
CA SER A 173 -12.36 -5.47 1.15
CA PRO A 174 -14.58 -2.53 0.27
CA ARG A 175 -17.35 -4.02 2.34
CA ALA A 176 -17.91 -4.89 5.94
CA GLU A 177 -21.18 -5.96 7.48
CA ALA A 178 -21.36 -4.43 10.95
CA THR A 179 -23.45 -6.62 13.24
CA LEU A 180 -25.08 -4.51 15.94
CA GLY A 181 -26.48 -7.24 18.15
CA GLY A 182 -30.26 -7.32 18.06
CA PHE A 183 -30.59 -4.54 15.55
CA GLY A 184 -29.45 -6.84 12.78
CA SER A 185 -26.53 -5.69 10.66
CA LEU A 186 -25.92 -2.58 8.59
CA GLY A 187 -24.65 -3.44 5.14
CA LEU A 188 -21.77 -1.09 4.39
CA ASP A 189 -19.80 -0.72 1.15
CA CYS A 190 -17.07 1.87 0.68
CA GLU A 191 -14.57 2.70 -2.04
CA PRO A 192 -11.22 3.02 -0.21
CA ARG A 193 -9.01 3.56 -3.24
CA THR A 194 -11.12 6.39 -4.66
CA GLY A 195 -12.06 8.98 -2.10
CA LEU A 196 -9.00 10.16 -0.25
CA ASP A 197 -7.14 11.01 -3.50
CA PHE A 198 -3.90 9.25 -2.57
CA SER A 199 -0.87 8.35 -4.70
CA ASP A 200 -0.38 12.10 -5.02
CA LEU A 201 0.60 12.50 -1.35
CA TYR A 202 4.04 11.74 -0.01
CA TYR A 203 4.19 11.32 3.75
CA LEU A 204 6.79 13.67 5.16
CA THR A 205 8.73 13.91 8.43
CA MET A 206 10.70 16.79 9.84
CA ASN A 207 12.14 16.28 13.28
CA ASN A 208 9.40 14.59 15.33
CA LYS A 209 6.48 15.94 13.30
CA HIS A 210 4.55 15.00 10.18
CA TRP A 211 2.65 16.34 7.21
CA LEU A 212 1.28 15.41 3.83
CA VAL A 213 2.61 16.84 0.60
CA HIS A 214 1.25 16.93 -2.91
CA LYS A 215 3.82 15.52 -5.26
CA GLU A 216 5.42 18.03 -7.61
CA TRP A 217 6.17 19.78 -4.38
CA PHE A 218 8.27 17.26 -2.46
CA HIS A 219 9.64 15.94 -5.74
CA ASP A 220 10.96 19.38 -6.62
CA ILE A 221 12.66 21.24 -3.80
CA PRO A 222 16.19 22.70 -3.80
CA LEU A 223 18.08 21.00 -1.00
CA PRO A 224 20.69 18.26 -0.79
CA TRP A 225 18.84 14.99 -1.20
CA HIS A 226 20.03 11.53 -0.26
CA ALA A 227 19.06 8.87 -2.75
CA GLY A 228 16.85 7.37 -0.07
CA ALA A 229 17.24 3.69 -0.91
CA ASP A 230 20.34 2.99 1.23
CA THR A 231 20.95 4.11 4.81
CA GLY A 232 24.57 2.97 5.09
CA THR A 233 26.26 6.31 4.52
CA PRO A 234 24.94 9.32 2.63
CA HIS A 235 26.20 9.73 -0.91
CA TRP A 236 24.50 12.95 -1.76
CA ASN A 237 23.17 14.47 -4.88
CA ASN A 238 23.01 18.27 -4.99
CA LYS A 239 25.24 19.18 -2.02
CA GLU A 240 25.51 22.69 -3.33
CA ALA A 241 22.76 25.20 -2.58
CA LEU A 242 22.83 24.36 1.09
CA VAL A 243 26.46 25.55 0.93
CA GLU A 244 27.42 28.83 -0.71
CA PHE A 245 31.10 29.06 -1.55
CA LYS A 246 31.65 32.73 -2.26
CA ASP A 247 34.59 35.08 -2.52
CA ALA A 248 35.43 38.77 -2.23
CA HIS A 249 38.20 40.18 -4.42
CA ALA A 250 41.78 39.41 -3.40
CA LYS A 251 43.10 35.90 -2.83
CA ARG A 252 40.30 34.32 -0.84
CA GLN A 253 37.30 32.16 -1.63
CA THR A 254 35.22 31.58 1.49
CA VAL A 255 32.47 29.07 2.29
CA VAL A 256 29.31 29.35 4.42
CA VAL A 257 27.09 26.79 6.12
CA LEU A 258 23.61 28.51 5.92
CA GLY A 259 22.46 27.58 9.46
CA SER A 260 20.07 24.78 8.58
CA GLN A 261 16.85 25.71 6.88
CA GLU A 262 14.49 23.96 9.28
CA GLY A 263 12.48 27.13 9.64
CA ALA A 264 12.00 27.35 5.90
CA VAL A 265 10.36 23.97 5.30
CA HIS A 266 7.80 24.78 7.97
CA THR A 267 7.08 28.28 6.68
CA ALA A 268 7.17 26.72 3.23
CA LEU A 269 4.55 24.08 3.91
CA ALA A 270 1.13 25.64 3.62
CA GLY A 271 -2.12 23.94 2.86
CA ALA A 272 -0.52 20.67 3.95
CA LEU A 273 -2.48 18.58 6.42
CA GLU A 274 -0.94 17.92 9.78
CA ALA A 275 -0.38 14.28 10.62
CA GLU A 276 0.66 12.08 13.50
CA MET A 277 1.92 8.54 13.72
CA ASP A 278 2.53 5.63 16.06
CA GLY A 279 5.45 3.66 14.65
CA ALA A 280 5.60 1.86 11.31
CA LYS A 281 2.03 3.06 10.87
CA GLY A 282 0.59 6.54 10.95
CA ARG A 283 -2.80 8.08 11.41
CA LEU A 284 -3.88 10.96 9.23
CA SER A 285 -6.91 12.85 10.03
CA SER A 286 -8.71 14.21 7.02
CA GLY A 287 -11.81 12.28 6.06
CA HIS A 288 -13.07 11.44 2.63
CA LEU A 289 -15.00 8.35 1.57
CA LYS A 290 -17.86 7.31 -0.65
CA CYS A 291 -19.85 4.72 1.29
CA ARG A 292 -22.99 3.18 -0.10
CA LEU A 293 -24.81 2.15 3.05
CA LYS A 294 -27.00 -0.92 2.68
CA MET A 295 -29.82 -0.52 5.20
CA ASP A 296 -31.31 -3.90 4.24
CA LYS A 297 -31.39 -5.82 7.51
CA LEU A 298 -32.14 -3.58 10.46
CA ARG A 299 -34.54 -4.93 13.04
CA LEU A 300 -36.08 -2.36 15.37
CA LYS A 301 -35.68 -3.79 18.83
CA GLY A 302 -38.40 -1.53 20.23
CA VAL A 303 -41.42 -3.23 18.71
CA SER A 304 -43.82 -5.47 20.62
CA TYR A 305 -43.44 -3.82 24.00
CA SER A 306 -45.94 -2.10 26.25
CA LEU A 307 -45.68 1.59 27.07
CA CYS A 308 -43.49 2.29 30.10
CA THR A 309 -45.70 3.29 33.03
CA ALA A 310 -45.88 6.83 34.39
CA ALA A 311 -42.75 8.09 36.15
CA PHE A 312 -40.67 10.26 33.85
CA THR A 313 -38.32 12.98 35.01
CA PHE A 314 -35.91 15.22 33.20
CA THR A 315 -32.26 15.01 34.15
CA LYS A 316 -30.15 18.01 33.07
CA ILE A 317 -33.14 19.61 31.25
CA PRO A 318 -33.43 19.74 27.45
CA ALA A 319 -31.13 21.68 25.12
CA GLU A 320 -30.81 22.89 21.56
CA THR A 321 -28.32 21.44 19.09
CA LEU A 322 -26.66 23.19 16.24
CA HIS A 323 -28.81 22.48 13.20
CA GLY A 324 -31.80 22.75 15.55
CA THR A 325 -32.41 19.26 16.93
CA VAL A 326 -33.30 18.83 20.59
CA THR A 327 -31.98 16.22 22.99
CA VAL A 328 -33.71 14.93 26.09
CA GLU A 329 -32.67 12.76 28.97
CA VAL A 330 -35.47 10.91 30.75
CA GLN A 331 -35.16 8.68 33.79
CA TYR A 332 -38.08 6.28 33.97
CA ALA A 333 -38.43 5.08 37.55
CA GLY A 334 -41.08 2.74 36.23
CA THR A 335 -40.03 -0.76 37.21
CA ASP A 336 -40.90 -2.95 34.26
CA GLY A 337 -39.19 -5.13 31.70
CA PRO A 338 -37.47 -3.27 28.90
CA CYS A 339 -40.25 -1.11 27.60
CA LYS A 340 -41.17 1.42 24.96
CA VAL A 341 -41.22 5.10 25.86
CA PRO A 342 -43.89 7.38 24.39
CA ALA A 343 -42.66 10.72 23.16
CA GLN A 344 -44.48 13.19 20.99
CA MET A 345 -43.68 16.73 19.98
CA ALA A 346 -47.08 18.35 20.32
CA VAL A 347 -48.44 21.61 18.97
CA ASP A 348 -50.41 22.93 21.94
CA MET A 349 -53.00 20.62 23.47
CA GLN A 350 -56.31 21.48 21.82
CA THR A 351 -55.80 17.95 20.52
CA LEU A 352 -52.61 16.05 21.37
CA THR A 353 -51.41 15.60 17.82
CA PRO A 354 -47.97 14.54 16.60
CA VAL A 355 -46.12 17.58 15.32
CA GLY A 356 -42.69 17.46 13.74
CA ARG A 357 -40.33 14.56 13.21
CA LEU A 358 -39.31 12.42 16.15
CA ILE A 359 -35.90 11.09 15.26
CA THR A 360 -34.65 8.65 17.78
CA ALA A 361 -36.64 5.90 16.11
CA ASN A 362 -38.37 4.07 18.94
CA PRO A 363 -36.83 4.84 22.31
CA VAL A 364 -36.80 1.68 24.41
CA ILE A 365 -35.28 1.70 27.87
CA THR A 366 -33.64 -1.66 28.45
CA GLU A 367 -33.09 -2.43 32.10
CA SER A 368 -34.78 -4.20 34.99
CA THR A 369 -33.00 -1.85 37.37
CA GLU A 370 -36.20 0.13 38.17
CA ASN A 371 -34.19 3.32 37.55
CA SER A 372 -32.87 3.83 34.04
CA LYS A 373 -31.94 6.56 31.60
CA MET A 374 -32.63 6.96 27.89
CA MET A 375 -31.40 9.78 25.67
CA LEU A 376 -33.90 10.38 22.88
CA GLU A 377 -33.62 13.35 20.56
CA LEU A 378 -36.14 14.98 18.25
CA ASP A 379 -36.57 17.99 15.98
CA PRO A 380 -39.79 19.89 16.67
CA PRO A 381 -41.41 22.46 14.35
CA PHE A 382 -40.38 26.09 14.08
CA GLY A 383 -42.99 27.76 16.27
CA ASP A 384 -43.41 27.23 19.97
CA SER A 385 -44.17 23.60 20.79
CA TYR A 386 -44.22 21.16 23.67
CA ILE A 387 -42.04 18.12 24.22
CA VAL A 388 -44.19 15.52 25.90
CA ILE A 389 -43.28 12.21 27.54
CA GLY A 390 -45.60 9.50 28.83
CA VAL A 391 -49.28 8.70 28.42
CA GLY A 392 -50.34 8.69 32.06
CA GLU A 393 -51.80 11.47 34.18
CA LYS A 394 -48.31 11.56 35.71
CA LYS A 395 -46.84 12.55 32.33
CA ILE A 396 -44.39 15.44 32.38
CA THR A 397 -43.96 18.00 29.63
CA HIS A 398 -41.52 20.74 28.72
CA HIS A 399 -41.91 23.79 26.52
CA TRP A 400 -39.39 24.37 23.79
CA HIS A 401 -39.00 26.91 21.01
CA ARG A 402 -37.31 26.90 17.61
CA SER A 403 -35.79 29.98 16.02
CA GLY A 404 -36.25 30.01 12.25
CA SER A 405 -38.65 28.45 9.78
CA THR A 406 -39.07 27.56 6.15
CA ILE A 407 -36.88 29.97 4.20
CA GLY A 408 -34.84 30.15 7.37
CA LYS A 409 -34.04 26.45 7.34
CA ALA A 410 -33.41 26.49 3.60
CA PHE A 411 -30.59 29.05 3.51
CA GLU A 412 -28.64 27.34 6.28
CA ALA A 413 -29.04 24.11 4.32
CA THR A 414 -28.20 25.87 1.06
CA VAL A 415 -24.91 27.10 2.50
CA ARG A 416 -23.76 23.76 3.85
CA GLY A 417 -24.65 22.15 0.55
CA ALA A 418 -22.46 24.57 -1.35
CA LYS A 419 -19.85 24.01 1.34
CA ARG A 420 -19.69 20.40 0.22
CA MET A 421 -19.31 21.41 -3.42
CA ALA A 422 -16.44 23.56 -2.22
CA VAL A 423 -14.62 20.98 -0.10
CA LEU A 424 -15.37 17.98 -2.26
CA GLY A 425 -16.62 18.60 -5.74
CA ASP A 426 -17.36 15.55 -7.79
CA THR A 427 -18.49 13.02 -5.19
CA ALA A 428 -20.46 15.74 -3.41
CA TRP A 429 -23.35 14.48 -5.54
CA ASP A 430 -23.29 11.17 -3.67
CA PHE A 431 -25.73 11.91 -0.85
CA GLY A 432 -28.82 11.48 -3.00
CA SER A 433 -30.04 7.93 -3.37
CA VAL A 434 -30.49 5.64 -6.35
CA GLY A 435 -29.96 6.68 -9.95
CA GLY A 436 -31.85 9.91 -10.32
CA ALA A 437 -31.21 11.68 -13.60
CA LEU A 438 -30.68 15.04 -11.95
CA ASN A 439 -28.28 13.24 -9.62
CA SER A 440 -26.90 11.09 -12.44
CA LEU A 441 -25.98 14.05 -14.65
CA GLY A 442 -25.26 15.96 -11.44
CA LYS A 443 -21.95 14.22 -11.01
CA GLY A 444 -21.87 14.00 -14.78
CA ILE A 445 -21.84 17.65 -15.79
CA HIS A 446 -19.74 18.44 -12.76
CA GLN A 447 -16.81 16.04 -13.22
CA ILE A 448 -16.14 17.32 -16.71
CA PHE A 449 -16.55 21.03 -16.08
CA GLY A 450 -14.75 20.45 -12.80
CA ALA A 451 -11.50 18.91 -14.02
CA ALA A 452 -11.15 21.65 -16.63
CA PHE A 453 -11.37 24.10 -13.76
CA LYS A 454 -8.88 21.92 -11.88
CA SER A 455 -6.39 22.56 -14.69
CA LEU A 456 -6.92 26.00 -16.28
CA PHE A 457 -7.25 27.74 -12.94
CA GLY A 458 -6.01 26.01 -9.81
CA GLY A 459 -2.78 27.92 -9.36
CA MET A 460 -3.09 29.08 -5.77
CA SER A 461 -5.38 30.34 -3.02
CA TRP A 462 -6.04 33.32 -0.77
CA PHE A 463 -4.81 36.58 -2.27
CA SER A 464 -3.88 34.62 -5.38
CA GLN A 465 -7.31 33.18 -6.07
CA ILE A 466 -9.28 36.29 -5.16
CA LEU A 467 -7.31 38.59 -7.44
CA ILE A 468 -7.54 36.55 -10.63
CA GLY A 469 -11.05 35.97 -9.40
CA THR A 470 -11.97 39.60 -8.80
CA LEU A 471 -10.55 40.83 -12.10
CA LEU A 472 -12.86 38.48 -14.01
CA MET A 473 -15.97 39.88 -12.33
CA TRP A 474 -14.85 43.20 -13.77
CA LEU A 475 -15.01 41.76 -17.28
CA GLY A 476 -18.64 40.83 -16.68
CA LEU A 477 -19.70 44.40 -15.97
CA ASN A 478 -17.72 45.64 -18.96
CA THR A 479 -16.78 44.00 -22.28
CA LYS A 480 -19.70 44.10 -24.69
CA ASN A 481 -19.67 40.78 -26.50
CA GLY A 482 -21.39 37.70 -25.16
CA SER A 483 -18.48 35.90 -23.53
CA ILE A 484 -19.42 38.30 -20.73
CA SER A 485 -22.00 35.64 -19.89
CA LEU A 486 -19.26 33.16 -18.99
CA MET A 487 -16.71 35.45 -17.36
CA CYS A 488 -19.07 37.18 -14.93
CA LEU A 489 -20.04 33.69 -13.85
CA ALA A 490 -16.48 32.36 -13.65
CA LEU A 491 -15.71 35.00 -11.03
CA GLY A 492 -18.32 33.52 -8.74
CA GLY A 493 -16.74 30.16 -9.47
CA VAL A 494 -13.46 31.42 -8.09
CA LEU A 495 -14.76 33.68 -5.33
CA ILE A 496 -16.82 30.83 -3.85
CA PHE A 497 -13.78 28.57 -3.65
CA LEU A 498 -12.12 31.51 -1.88
CA SER A 499 -15.17 31.96 0.34
CA THR A 500 -14.90 28.47 1.85
CA ALA A 501 -12.88 29.66 4.85
CA ALA B 1 19.50 29.44 -1.59
CA VAL B 2 15.89 30.57 -1.26
CA THR B 3 14.03 27.90 -3.24
CA LEU B 4 11.54 25.77 -1.29
CA PRO B 5 8.55 26.69 -3.46
CA SER B 6 5.38 27.31 -1.52
CA HIS B 7 3.26 24.20 -1.12
CA SER B 8 0.21 26.44 -1.29
CA THR B 9 0.31 25.92 -5.05
CA ARG B 10 -1.14 22.44 -4.67
CA LYS B 11 -3.20 22.81 -1.51
CA LEU B 12 -4.41 19.57 0.02
CA GLN B 13 -8.11 20.23 0.55
CA THR B 14 -10.16 18.58 3.27
CA ARG B 15 -12.20 19.51 6.30
CA SER B 16 -9.38 19.53 8.87
CA GLN B 17 -7.66 22.91 8.95
CA THR B 18 -4.53 22.92 6.82
CA TRP B 19 -1.03 23.64 8.13
CA LEU B 20 -1.16 27.40 8.57
CA GLU B 21 -4.66 28.62 7.97
CA SER B 22 -4.35 31.79 10.00
CA ARG B 23 -1.15 33.24 8.60
CA GLU B 24 -2.08 32.15 5.08
CA TYR B 25 -4.78 34.81 4.82
CA THR B 26 -2.64 37.92 5.32
CA LYS B 27 0.76 36.51 4.32
CA HIS B 28 0.34 37.54 0.70
CA LEU B 29 -1.05 40.95 1.60
CA ILE B 30 1.14 41.98 4.52
CA ARG B 31 4.27 41.77 2.37
CA VAL B 32 2.96 44.47 0.04
CA GLU B 33 1.63 46.74 2.77
CA ASN B 34 5.18 46.84 4.11
CA TRP B 35 7.23 47.28 0.94
CA ILE B 36 5.20 50.33 -0.05
CA PHE B 37 5.60 51.97 3.34
CA ARG B 38 9.33 51.58 2.76
CA ASN B 39 9.36 52.96 -0.79
CA PRO B 40 6.61 55.35 -1.81
CA GLY B 41 8.45 55.79 -5.06
CA PHE B 42 7.48 52.91 -7.33
CA ALA B 43 3.91 54.07 -6.80
CA LEU B 44 4.69 57.67 -7.67
CA ALA B 45 6.11 56.79 -11.07
CA ALA B 46 3.73 53.88 -11.57
CA ALA B 47 1.06 56.11 -13.08
CA ALA B 48 3.60 57.25 -15.67
CA ILE B 49 3.99 53.62 -16.69
CA ALA B 50 0.22 53.40 -16.45
CA TRP B 51 -0.88 56.47 -18.41
CA LEU B 52 1.52 55.53 -21.17
CA LEU B 53 0.23 51.94 -21.25
CA GLY B 54 -3.20 50.99 -22.60
CA SER B 55 -4.39 54.59 -22.42
CA SER B 56 -8.03 53.90 -21.51
CA THR B 57 -9.50 54.42 -18.05
CA SER B 58 -9.88 51.04 -16.40
CA GLN B 59 -7.73 49.40 -19.08
CA LYS B 60 -5.08 51.89 -18.01
CA VAL B 61 -5.82 51.28 -14.33
CA ILE B 62 -5.30 47.51 -14.35
CA TYR B 63 -1.67 48.30 -15.09
CA LEU B 64 -1.25 50.67 -12.15
CA VAL B 65 -2.53 47.81 -9.98
CA MET B 66 -0.54 45.13 -11.81
CA ILE B 67 2.63 47.23 -11.63
CA LEU B 68 2.52 48.22 -7.96
CA LEU B 69 1.64 44.57 -7.32
CA ILE B 70 4.49 43.05 -9.36
CA ALA B 71 6.77 45.65 -7.76
CA PRO B 72 7.18 44.10 -4.29
CA ALA B 73 7.64 40.75 -6.03
CA TYR B 74 10.77 39.08 -7.40
CA SER B 75 9.01 37.40 -10.33
CA ILE C 1 75.51 30.73 -48.97
CA ARG C 2 72.71 29.53 -46.70
CA CYS C 3 71.03 30.77 -49.84
CA ILE C 4 70.99 30.00 -53.55
CA GLY C 5 69.03 26.79 -53.83
CA VAL C 6 66.63 27.66 -51.00
CA SER C 7 64.30 28.94 -53.79
CA ASN C 8 62.33 31.20 -51.46
CA ARG C 9 64.31 34.35 -52.06
CA ASP C 10 64.11 37.91 -50.85
CA PHE C 11 66.56 40.52 -52.05
CA VAL C 12 66.60 43.69 -49.97
CA GLU C 13 68.38 46.62 -51.63
CA GLY C 14 67.60 49.83 -49.75
CA MET C 15 70.65 50.40 -47.58
CA SER C 16 69.75 54.07 -47.12
CA GLY C 17 69.80 55.47 -43.60
CA GLY C 18 72.64 54.63 -41.23
CA THR C 19 72.14 50.93 -41.89
CA TRP C 20 68.54 50.92 -40.71
CA VAL C 21 67.26 48.21 -43.10
CA ASP C 22 64.44 46.21 -41.52
CA VAL C 23 63.81 42.63 -42.67
CA VAL C 24 61.34 39.80 -42.00
CA LEU C 25 62.49 36.19 -41.69
CA GLU C 26 60.49 33.03 -42.41
CA HIS C 27 61.68 29.53 -41.54
CA GLY C 28 60.91 28.60 -45.08
CA GLY C 29 62.91 31.33 -46.77
CA CYS C 30 65.86 33.62 -46.37
CA VAL C 31 66.57 37.22 -47.19
CA THR C 32 69.91 38.37 -48.58
CA VAL C 33 71.00 41.89 -47.74
CA MET C 34 72.94 43.49 -50.57
CA ALA C 35 74.12 47.03 -49.88
CA GLN C 36 76.62 49.15 -51.79
CA ASP C 37 79.70 49.16 -49.60
CA LYS C 38 79.14 46.22 -47.25
CA PRO C 39 79.62 42.61 -48.19
CA THR C 40 76.42 40.88 -49.13
CA VAL C 41 75.13 39.13 -46.02
CA ASP C 42 72.86 36.10 -46.12
CA ILE C 43 70.38 35.76 -43.27
CA GLU C 44 68.21 32.74 -42.70
CA LEU C 45 66.15 31.55 -39.77
CA VAL C 46 66.60 27.94 -38.76
CA THR C 47 64.81 26.65 -35.66
CA THR C 48 62.72 28.41 -33.04
CA THR C 49 63.15 26.53 -29.79
CA VAL C 50 60.60 26.67 -26.97
CA SER C 51 61.59 25.61 -23.48
CA ASN C 52 60.17 25.46 -19.95
CA MET C 53 56.64 24.52 -20.98
CA ALA C 54 53.87 23.78 -18.48
CA GLU C 55 50.94 21.35 -18.64
CA VAL C 56 47.37 22.52 -19.17
CA ARG C 57 44.48 20.12 -19.01
CA SER C 58 45.01 16.87 -20.89
CA TYR C 59 42.67 14.35 -22.50
CA CYS C 60 41.94 10.67 -22.89
CA TYR C 61 42.45 9.33 -26.38
CA GLU C 62 41.44 5.77 -25.49
CA ALA C 63 38.79 4.92 -22.94
CA SER C 64 38.64 1.64 -21.04
CA ILE C 65 35.79 0.28 -18.95
CA SER C 66 36.13 -2.14 -16.07
CA ASP C 67 33.29 -3.37 -13.85
CA MET C 68 29.67 -2.95 -14.88
CA ALA C 69 27.05 -3.42 -12.20
CA SER C 70 23.52 -2.21 -11.52
CA ASP C 71 20.58 -2.38 -9.16
CA SER C 72 16.96 -1.31 -9.28
CA ARG C 73 14.48 -0.48 -6.57
CA CYS C 74 11.22 -1.32 -8.43
CA PRO C 75 8.43 1.16 -9.21
CA THR C 76 7.70 3.86 -6.66
CA GLN C 77 11.18 4.17 -5.19
CA GLY C 78 14.16 6.30 -6.03
CA GLU C 79 17.09 4.96 -7.99
CA ALA C 80 18.91 2.71 -5.57
CA TYR C 81 22.43 3.99 -5.53
CA LEU C 82 25.23 1.53 -5.92
CA ASP C 83 28.28 1.97 -3.76
CA LYS C 84 30.09 2.76 -6.99
CA GLN C 85 28.48 6.21 -7.10
CA SER C 86 30.48 7.42 -4.12
CA ASP C 87 33.99 6.89 -5.51
CA THR C 88 33.73 9.17 -8.54
CA GLN C 89 35.95 7.45 -11.09
CA TYR C 90 32.76 5.58 -12.08
CA VAL C 91 30.36 6.64 -14.77
CA CYS C 92 26.75 6.35 -13.65
CA LYS C 93 23.46 7.00 -15.41
CA ARG C 94 20.03 6.72 -13.81
CA THR C 95 17.30 5.78 -16.27
CA LEU C 96 13.69 4.64 -16.18
CA VAL C 97 12.92 1.01 -17.01
CA ASP C 98 9.83 -1.19 -16.88
CA ARG C 99 9.88 -3.85 -14.23
CA GLY C 100 6.67 -5.78 -14.63
CA TRP C 101 5.64 -8.35 -12.03
CA GLY C 102 7.81 -11.35 -12.79
CA ASN C 103 10.52 -8.75 -12.99
CA GLY C 104 9.93 -9.37 -9.29
CA CYS C 105 7.63 -6.61 -8.09
CA GLY C 106 4.11 -5.29 -8.64
CA LEU C 107 3.37 -1.89 -10.18
CA PHE C 108 4.11 -2.52 -13.86
CA GLY C 109 4.63 1.08 -14.97
CA LYS C 110 8.26 2.08 -14.72
CA GLY C 111 11.07 1.68 -12.18
CA SER C 112 14.63 2.93 -12.24
CA LEU C 113 18.03 1.46 -13.03
CA VAL C 114 21.38 2.79 -11.94
CA THR C 115 24.31 1.33 -13.87
CA CYS C 116 27.90 2.18 -13.08
CA ALA C 117 31.29 1.31 -14.47
CA LYS C 118 34.86 1.99 -13.42
CA PHE C 119 36.50 4.31 -15.92
CA ALA C 120 40.24 4.19 -16.46
CA CYS C 121 41.98 6.04 -19.24
CA SER C 122 44.44 4.54 -21.68
CA LYS C 123 47.23 6.57 -23.20
CA LYS C 124 46.42 10.31 -23.03
CA MET C 125 47.01 13.60 -24.79
CA THR C 126 48.40 16.45 -22.72
CA GLY C 127 48.38 20.01 -23.89
CA LYS C 128 51.20 22.27 -22.83
CA SER C 129 51.38 26.03 -22.53
CA ILE C 130 53.92 28.18 -24.34
CA GLN C 131 54.72 31.57 -22.96
CA PRO C 132 56.60 34.38 -24.70
CA GLU C 133 59.20 34.28 -21.99
CA ASN C 134 61.66 31.38 -22.25
CA LEU C 135 61.19 31.58 -26.01
CA GLU C 136 64.30 31.36 -28.14
CA TYR C 137 65.33 31.69 -31.78
CA ARG C 138 68.24 30.60 -33.90
CA ILE C 139 69.49 32.69 -36.82
CA MET C 140 72.42 31.38 -38.82
CA LEU C 141 73.97 33.92 -41.15
CA SER C 142 76.74 33.85 -43.75
CA VAL C 143 78.48 36.12 -46.22
CA HIS C 144 79.01 35.39 -49.89
CA GLY C 145 82.49 36.61 -50.77
CA SER C 146 83.82 33.40 -52.33
CA GLN C 147 84.26 30.59 -49.79
CA HIS C 148 84.25 27.06 -51.14
CA SER C 149 80.92 26.40 -52.81
CA GLY C 150 80.93 22.98 -51.22
CA MET C 151 80.52 24.73 -47.87
CA ILE C 152 77.18 26.26 -48.90
CA VAL C 153 75.44 24.09 -46.31
CA ASN C 154 77.42 23.07 -43.22
CA ASP C 155 77.34 23.57 -39.47
CA THR C 156 80.61 21.99 -38.32
CA GLY C 157 82.17 25.28 -37.24
CA HIS C 158 79.36 27.82 -37.10
CA GLU C 159 81.83 29.97 -35.16
CA THR C 160 85.25 29.98 -36.84
CA ASP C 161 85.42 28.88 -40.46
CA GLU C 162 84.38 31.40 -43.12
CA ASN C 163 82.19 34.27 -41.93
CA ARG C 164 79.34 32.25 -40.44
CA ALA C 165 77.80 32.97 -37.06
CA LYS C 166 74.96 31.39 -35.11
CA VAL C 167 72.94 34.09 -33.43
CA GLU C 168 70.55 33.47 -30.57
CA ILE C 169 67.61 35.78 -29.91
CA THR C 170 65.38 35.41 -26.88
CA PRO C 171 62.97 37.88 -25.25
CA ASN C 172 65.19 39.34 -22.51
CA SER C 173 67.56 40.37 -25.33
CA PRO C 174 66.07 41.55 -28.61
CA ARG C 175 69.52 42.32 -29.90
CA ALA C 176 72.46 40.18 -30.79
CA GLU C 177 75.45 41.49 -32.66
CA ALA C 178 77.12 38.85 -34.72
CA THR C 179 80.82 39.33 -34.99
CA LEU C 180 81.94 37.87 -38.30
CA GLY C 181 85.69 38.02 -37.86
CA GLY C 182 87.28 40.53 -40.19
CA PHE C 183 84.03 41.70 -41.69
CA GLY C 184 83.19 43.60 -38.53
CA SER C 185 79.86 42.87 -36.89
CA LEU C 186 76.30 43.01 -38.16
CA GLY C 187 74.04 44.88 -35.75
CA LEU C 188 70.86 42.85 -35.39
CA ASP C 189 67.69 43.76 -33.49
CA CYS C 190 64.60 41.55 -33.46
CA GLU C 191 61.26 41.62 -31.70
CA PRO C 192 60.83 38.09 -30.31
CA ARG C 193 57.59 38.64 -28.43
CA THR C 194 55.76 40.15 -31.41
CA GLY C 195 56.20 38.20 -34.58
CA LEU C 196 55.36 34.57 -34.00
CA ASP C 197 51.93 35.41 -32.50
CA PHE C 198 52.27 33.19 -29.43
CA SER C 199 50.17 33.00 -26.26
CA ASP C 200 47.40 31.79 -28.54
CA LEU C 201 49.12 28.47 -29.23
CA TYR C 202 49.02 25.52 -26.87
CA TYR C 203 51.67 22.90 -27.53
CA LEU C 204 50.00 19.53 -27.96
CA THR C 205 51.17 15.92 -27.81
CA MET C 206 49.44 12.80 -29.02
CA ASN C 207 51.39 9.58 -28.71
CA ASN C 208 54.94 10.41 -29.82
CA LYS C 209 54.00 13.33 -32.09
CA HIS C 210 53.38 17.05 -31.75
CA TRP C 211 51.40 19.96 -33.10
CA LEU C 212 50.36 23.51 -32.34
CA VAL C 213 46.80 24.50 -31.62
CA HIS C 214 45.03 27.84 -31.56
CA LYS C 215 43.32 28.24 -28.24
CA GLU C 216 39.52 28.12 -28.36
CA TRP C 217 40.20 24.85 -30.04
CA PHE C 218 42.16 22.90 -27.44
CA HIS C 219 40.28 24.71 -24.69
CA ASP C 220 36.97 23.46 -26.07
CA ILE C 221 36.93 19.82 -27.11
CA PRO C 222 34.52 17.12 -25.90
CA LEU C 223 36.61 14.43 -24.28
CA PRO C 224 37.37 13.42 -20.71
CA TRP C 225 39.96 15.87 -19.42
CA HIS C 226 42.24 15.46 -16.45
CA ALA C 227 42.72 18.62 -14.46
CA GLY C 228 46.35 18.62 -15.55
CA ALA C 229 47.95 20.03 -12.43
CA ASP C 230 48.48 16.74 -10.55
CA THR C 231 49.84 13.49 -11.98
CA GLY C 232 49.23 11.29 -8.93
CA THR C 233 46.03 9.62 -10.08
CA PRO C 234 43.46 10.91 -12.56
CA HIS C 235 40.36 12.47 -11.05
CA TRP C 236 38.49 13.21 -14.20
CA ASN C 237 36.06 15.83 -15.25
CA ASN C 238 33.66 14.88 -18.04
CA LYS C 239 33.98 11.10 -17.96
CA GLU C 240 30.90 10.79 -20.08
CA ALA C 241 30.96 11.27 -23.84
CA LEU C 242 33.85 8.89 -24.24
CA VAL C 243 31.46 6.33 -22.72
CA GLU C 244 27.92 5.88 -24.01
CA PHE C 245 25.68 4.00 -21.63
CA LYS C 246 22.76 2.95 -23.82
CA ASP C 247 19.76 0.69 -23.40
CA ALA C 248 17.23 -1.18 -25.50
CA HIS C 249 13.51 -1.66 -24.80
CA ALA C 250 14.07 -4.10 -21.94
CA LYS C 251 15.46 -4.81 -18.46
CA ARG C 252 18.93 -3.94 -19.68
CA GLN C 253 21.05 -0.82 -19.84
CA THR C 254 24.33 -1.50 -21.62
CA VAL C 255 27.59 0.45 -21.81
CA VAL C 256 30.12 0.90 -24.62
CA VAL C 257 33.80 1.89 -24.68
CA LEU C 258 34.04 3.76 -28.09
CA GLY C 259 37.42 2.29 -29.14
CA SER C 260 39.62 5.27 -28.42
CA GLN C 261 39.28 8.28 -30.65
CA GLU C 262 42.94 8.62 -31.58
CA GLY C 263 42.03 8.72 -35.24
CA ALA C 264 39.66 11.61 -34.64
CA VAL C 265 42.09 14.09 -33.10
CA HIS C 266 44.40 13.60 -36.07
CA THR C 267 41.65 13.96 -38.67
CA ALA C 268 40.35 16.79 -36.53
CA LEU C 269 43.57 18.78 -36.49
CA ALA C 270 43.84 20.72 -39.72
CA GLY C 271 45.79 23.85 -40.36
CA ALA C 272 47.88 23.04 -37.30
CA LEU C 273 51.63 23.17 -37.74
CA GLU C 274 53.58 20.00 -37.24
CA ALA C 275 56.20 20.13 -34.52
CA GLU C 276 59.02 18.08 -33.09
CA MET C 277 60.87 18.15 -29.80
CA ASP C 278 64.12 16.91 -28.28
CA GLY C 279 62.95 16.49 -24.70
CA ALA C 280 61.84 19.18 -22.25
CA LYS C 281 62.43 21.72 -25.01
CA GLY C 282 60.89 21.56 -28.44
CA ARG C 283 61.65 22.97 -31.84
CA LEU C 284 58.87 24.34 -33.97
CA SER C 285 59.47 25.17 -37.49
CA SER C 286 57.41 28.05 -38.77
CA GLY C 287 59.32 31.30 -39.08
CA HIS C 288 58.15 34.77 -38.33
CA LEU C 289 60.21 37.69 -37.04
CA LYS C 290 60.64 41.40 -37.49
CA CYS C 291 64.37 42.08 -37.44
CA ARG C 292 65.76 45.54 -37.96
CA LEU C 293 69.24 44.80 -39.27
CA LYS C 294 71.86 47.38 -38.37
CA MET C 295 74.42 47.31 -41.16
CA ASP C 296 76.56 49.94 -39.43
CA LYS C 297 79.94 48.26 -39.01
CA LEU C 298 80.76 45.99 -41.94
CA ARG C 299 84.28 46.08 -43.31
CA LEU C 300 84.93 45.17 -46.96
CA LYS C 301 86.92 41.96 -46.73
CA GLY C 302 88.46 42.54 -50.15
CA VAL C 303 89.81 46.06 -50.42
CA SER C 304 93.48 46.92 -50.89
CA TYR C 305 94.49 43.80 -52.78
CA SER C 306 95.93 43.32 -56.25
CA LEU C 307 94.01 41.48 -58.96
CA CYS C 308 94.61 37.73 -58.91
CA THR C 309 96.82 36.79 -61.86
CA ALA C 310 95.55 34.89 -64.91
CA ALA C 311 94.60 31.25 -64.31
CA PHE C 312 90.84 30.89 -63.89
CA THR C 313 88.89 27.77 -64.67
CA PHE C 314 85.28 26.82 -64.21
CA THR C 315 84.50 23.86 -62.01
CA LYS C 316 81.01 22.38 -62.51
CA ILE C 317 80.07 25.11 -65.05
CA PRO C 318 77.65 27.94 -64.25
CA ALA C 319 73.94 27.54 -63.51
CA GLU C 320 70.71 29.47 -63.18
CA THR C 321 68.98 30.03 -59.86
CA LEU C 322 65.30 30.45 -59.25
CA HIS C 323 64.68 34.19 -59.26
CA GLY C 324 67.31 34.39 -62.02
CA THR C 325 70.66 34.85 -60.30
CA VAL C 326 73.69 32.95 -61.59
CA THR C 327 76.35 31.19 -59.55
CA VAL C 328 79.90 30.50 -60.61
CA GLU C 329 82.72 28.46 -59.20
CA VAL C 330 86.22 29.55 -60.16
CA GLN C 331 89.47 27.86 -59.22
CA TYR C 332 92.35 30.33 -59.42
CA ALA C 333 95.57 28.39 -59.79
CA GLY C 334 97.30 31.72 -59.43
CA THR C 335 99.72 31.39 -56.54
CA ASP C 336 99.55 34.68 -54.67
CA GLY C 337 98.53 36.02 -51.31
CA PRO C 338 94.81 36.34 -50.74
CA CYS C 339 93.77 38.41 -53.71
CA LYS C 340 90.85 40.12 -55.37
CA VAL C 341 89.13 38.41 -58.29
CA PRO C 342 87.86 40.50 -61.21
CA ALA C 343 84.44 39.58 -62.47
CA GLN C 344 82.22 41.54 -64.79
CA MET C 345 79.00 40.70 -66.53
CA ALA C 346 79.51 42.27 -69.92
CA VAL C 347 77.02 42.48 -72.73
CA ASP C 348 79.29 42.25 -75.77
CA MET C 349 83.01 41.59 -76.33
CA GLN C 350 85.90 44.06 -76.93
CA THR C 351 85.34 47.09 -74.69
CA LEU C 352 83.96 45.18 -71.74
CA THR C 353 81.57 47.54 -70.03
CA PRO C 354 79.99 46.51 -66.75
CA VAL C 355 76.45 45.30 -67.39
CA GLY C 356 74.07 44.25 -64.66
CA ARG C 357 74.55 43.97 -60.92
CA LEU C 358 77.39 41.86 -59.58
CA ILE C 359 76.20 40.69 -56.19
CA THR C 360 78.87 38.83 -54.36
CA ALA C 361 80.35 42.10 -53.19
CA ASN C 362 84.07 41.77 -53.77
CA PRO C 363 85.13 38.16 -54.30
CA VAL C 364 88.49 37.60 -52.60
CA ILE C 365 90.09 34.19 -52.62
CA THR C 366 91.88 33.72 -49.33
CA GLU C 367 94.52 31.01 -49.47
CA SER C 368 98.23 30.60 -50.09
CA THR C 369 97.53 27.06 -51.31
CA GLU C 370 98.17 27.98 -54.99
CA ASN C 371 94.90 26.17 -55.82
CA SER C 372 91.73 27.65 -54.36
CA LYS C 373 88.02 27.96 -55.02
CA MET C 374 85.65 30.90 -54.71
CA MET C 375 81.91 30.85 -55.33
CA LEU C 376 80.76 34.24 -56.55
CA GLU C 377 77.27 34.80 -57.86
CA LEU C 378 75.80 37.58 -59.98
CA ASP C 379 72.60 38.57 -61.76
CA PRO C 380 73.16 39.48 -65.43
CA PRO C 381 70.56 40.73 -67.91
CA PHE C 382 68.15 38.99 -70.28
CA GLY C 383 69.92 39.43 -73.61
CA ASP C 384 72.73 36.97 -74.31
CA SER C 385 75.39 38.42 -72.00
CA TYR C 386 78.83 37.15 -71.08
CA ILE C 387 80.18 36.24 -67.68
CA VAL C 388 83.84 37.21 -67.65
CA ILE C 389 86.61 36.47 -65.17
CA GLY C 390 90.16 37.79 -65.26
CA VAL C 391 92.09 40.66 -66.81
CA GLY C 392 95.02 38.97 -68.51
CA GLU C 393 95.03 37.42 -71.99
CA LYS C 394 94.45 34.13 -70.20
CA LYS C 395 91.01 35.28 -69.04
CA ILE C 396 88.18 32.80 -69.55
CA THR C 397 84.59 33.70 -70.34
CA HIS C 398 81.24 31.97 -70.48
CA HIS C 399 78.06 32.87 -72.30
CA TRP C 400 74.84 32.98 -70.35
CA HIS C 401 71.27 33.93 -71.14
CA ARG C 402 68.34 35.26 -69.08
CA SER C 403 64.72 34.48 -69.87
CA GLY C 404 62.45 37.43 -69.14
CA SER C 405 62.84 41.17 -68.85
CA THR C 406 61.22 44.27 -67.46
CA ILE C 407 57.50 43.52 -67.24
CA GLY C 408 58.59 39.91 -66.95
CA LYS C 409 60.58 40.51 -63.78
CA ALA C 410 57.85 42.74 -62.35
CA PHE C 411 54.98 40.23 -62.37
CA GLU C 412 57.03 37.52 -60.68
CA ALA C 413 57.97 40.12 -58.06
CA THR C 414 54.38 41.36 -57.88
CA VAL C 415 53.16 37.85 -57.06
CA ARG C 416 55.67 37.15 -54.30
CA GLY C 417 54.91 40.53 -52.80
CA ALA C 418 51.22 39.74 -52.60
CA LYS C 419 52.23 36.33 -51.29
CA ARG C 420 53.71 38.09 -48.28
CA MET C 421 50.54 40.11 -47.74
CA ALA C 422 48.78 36.75 -47.86
CA VAL C 423 50.46 34.78 -45.07
CA LEU C 424 51.92 37.80 -43.28
CA GLY C 425 49.66 40.84 -43.37
CA ASP C 426 50.57 43.67 -41.06
CA THR C 427 54.34 43.31 -40.71
CA ALA C 428 54.61 42.52 -44.41
CA TRP C 429 55.23 46.25 -44.75
CA ASP C 430 58.52 45.88 -42.87
CA PHE C 431 60.92 45.25 -45.76
CA GLY C 432 61.08 48.89 -46.82
CA SER C 433 63.60 50.97 -44.94
CA VAL C 434 63.30 54.05 -42.75
CA GLY C 435 60.08 55.93 -42.13
CA GLY C 436 58.60 56.46 -45.56
CA ALA C 437 55.07 57.85 -45.50
CA LEU C 438 53.80 55.34 -48.03
CA ASN C 439 55.45 52.68 -45.86
CA SER C 440 54.38 54.42 -42.65
CA LEU C 441 50.70 54.50 -43.56
CA GLY C 442 51.27 51.21 -45.37
CA LYS C 443 51.24 49.28 -42.14
CA GLY C 444 48.90 51.96 -40.87
CA ILE C 445 45.93 51.57 -43.17
CA HIS C 446 46.51 47.84 -43.26
CA GLN C 447 46.51 47.00 -39.54
CA ILE C 448 43.12 48.65 -39.04
CA PHE C 449 41.37 47.36 -42.14
CA GLY C 450 43.11 44.06 -41.49
CA ALA C 451 41.91 43.29 -37.97
CA ALA C 452 38.35 44.09 -38.97
CA PHE C 453 38.76 41.49 -41.68
CA LYS C 454 40.31 39.20 -39.07
CA SER C 455 37.03 39.39 -37.14
CA LEU C 456 34.05 39.83 -39.50
CA PHE C 457 35.26 37.16 -41.89
CA GLY C 458 37.86 34.68 -40.75
CA GLY C 459 35.60 31.70 -40.19
CA MET C 460 37.33 29.03 -42.24
CA SER C 461 39.29 28.21 -45.36
CA TRP C 462 39.15 26.17 -48.56
CA PHE C 463 35.60 25.46 -49.68
CA SER C 464 34.41 27.63 -46.80
CA GLN C 465 36.33 30.75 -47.77
CA ILE C 466 35.79 30.45 -51.51
CA LEU C 467 32.01 30.10 -51.27
CA ILE C 468 31.33 33.12 -49.04
CA GLY C 469 33.97 34.69 -51.21
CA THR C 470 32.47 33.78 -54.58
CA LEU C 471 28.94 34.83 -53.63
CA LEU C 472 30.15 38.36 -52.88
CA MET C 473 31.68 38.76 -56.33
CA TRP C 474 28.17 38.08 -57.59
CA LEU C 475 26.95 41.10 -55.62
CA GLY C 476 29.55 43.13 -57.50
CA LEU C 477 28.06 42.35 -60.90
CA ASN C 478 24.38 42.43 -59.97
CA THR C 479 22.61 44.74 -57.51
CA LYS C 480 22.60 48.50 -58.05
CA ASN C 481 25.36 50.71 -56.65
CA GLY C 482 27.01 51.60 -53.34
CA SER C 483 27.96 48.15 -52.09
CA ILE C 484 28.64 47.21 -55.71
CA SER C 485 31.90 49.08 -55.07
CA LEU C 486 32.96 47.57 -51.73
CA MET C 487 31.50 44.09 -52.21
CA CYS C 488 32.98 43.38 -55.64
CA LEU C 489 36.30 44.29 -54.05
CA ALA C 490 35.78 42.25 -50.89
CA LEU C 491 35.48 39.13 -53.03
CA GLY C 492 39.02 39.63 -54.28
CA GLY C 493 40.00 40.12 -50.67
CA VAL C 494 38.71 36.66 -49.86
CA LEU C 495 39.63 34.89 -53.09
CA ILE C 496 43.26 36.01 -52.78
CA PHE C 497 43.54 34.58 -49.28
CA LEU C 498 42.13 31.40 -50.82
CA SER C 499 44.58 31.67 -53.72
CA THR C 500 47.65 31.45 -51.47
CA ALA C 501 48.01 27.69 -51.88
CA ALA D 1 30.01 12.17 -29.09
CA VAL D 2 31.21 13.81 -32.31
CA THR D 3 31.67 17.57 -32.08
CA LEU D 4 35.47 17.22 -31.92
CA PRO D 5 35.49 20.60 -33.68
CA SER D 6 37.65 21.05 -36.73
CA HIS D 7 40.80 23.03 -36.03
CA SER D 8 40.52 24.42 -39.55
CA THR D 9 38.41 27.20 -38.02
CA ARG D 10 41.52 28.88 -36.63
CA LYS D 11 44.15 27.81 -39.14
CA LEU D 12 47.72 28.45 -38.09
CA GLN D 13 49.18 30.22 -41.11
CA THR D 14 52.84 30.07 -42.06
CA ARG D 15 55.03 28.93 -44.91
CA SER D 16 55.47 25.30 -43.84
CA GLN D 17 52.63 23.16 -45.12
CA THR D 18 49.95 22.68 -42.48
CA TRP D 19 48.85 19.32 -41.09
CA LEU D 20 46.76 17.98 -43.94
CA GLU D 21 47.05 20.27 -46.91
CA SER D 22 46.16 17.70 -49.53
CA ARG D 23 43.00 16.23 -48.06
CA GLU D 24 41.84 19.65 -46.88
CA TYR D 25 41.09 20.78 -50.44
CA THR D 26 38.50 18.14 -51.38
CA LYS D 27 37.36 17.11 -47.89
CA HIS D 28 34.55 19.66 -47.84
CA LEU D 29 33.50 18.90 -51.41
CA ILE D 30 33.79 15.11 -51.55
CA ARG D 31 31.24 14.72 -48.77
CA VAL D 32 28.55 16.42 -50.82
CA GLU D 33 29.38 14.66 -54.08
CA ASN D 34 28.68 11.41 -52.23
CA TRP D 35 25.53 12.25 -50.30
CA ILE D 36 23.77 13.35 -53.48
CA PHE D 37 24.71 10.18 -55.35
CA ARG D 38 23.03 8.35 -52.49
CA ASN D 39 19.86 10.46 -52.40
CA PRO D 40 18.81 12.23 -55.58
CA GLY D 41 15.69 13.26 -53.76
CA PHE D 42 16.51 16.34 -51.71
CA ALA D 43 17.59 17.88 -54.99
CA LEU D 44 14.38 16.95 -56.78
CA ALA D 45 12.18 18.73 -54.25
CA ALA D 46 14.74 21.47 -53.60
CA ALA D 47 13.44 23.59 -56.47
CA ALA D 48 10.00 23.48 -54.88
CA ILE D 49 11.52 25.02 -51.78
CA ALA D 50 13.40 27.33 -54.13
CA TRP D 51 10.63 28.52 -56.45
CA LEU D 52 8.47 29.23 -53.43
CA LEU D 53 11.28 31.17 -51.73
CA GLY D 54 12.46 34.60 -52.89
CA SER D 55 10.74 34.16 -56.24
CA SER D 56 13.30 36.02 -58.39
CA THR D 57 15.77 34.34 -60.71
CA SER D 58 19.17 34.40 -59.05
CA GLN D 59 17.63 35.43 -55.72
CA LYS D 60 15.59 32.23 -56.07
CA VAL D 61 18.65 30.26 -57.19
CA ILE D 62 20.85 31.04 -54.18
CA TYR D 63 18.36 29.04 -52.17
CA LEU D 64 18.54 25.99 -54.41
CA VAL D 65 22.29 26.09 -53.85
CA MET D 66 22.03 26.92 -50.16
CA ILE D 67 19.46 24.15 -49.63
CA LEU D 68 21.21 21.32 -51.45
CA LEU D 69 24.33 22.49 -49.63
CA ILE D 70 22.85 22.57 -46.13
CA ALA D 71 21.32 19.21 -47.01
CA PRO D 72 24.53 17.37 -46.21
CA ALA D 73 25.23 19.47 -43.11
CA TYR D 74 24.83 18.32 -39.50
CA SER D 75 24.09 21.84 -38.27
CA ILE E 1 1.89 -13.84 -19.86
CA ARG E 2 4.88 -12.89 -22.00
CA CYS E 3 2.82 -9.74 -21.67
CA ILE E 4 1.57 -7.42 -18.96
CA GLY E 5 4.63 -5.47 -17.91
CA VAL E 6 6.09 -5.33 -21.42
CA SER E 7 4.40 -1.89 -21.67
CA ASN E 8 4.36 -1.89 -25.47
CA ARG E 9 0.92 -3.32 -25.92
CA ASP E 10 -1.27 -4.16 -28.88
CA PHE E 11 -4.75 -5.56 -28.41
CA VAL E 12 -6.23 -7.07 -31.57
CA GLU E 13 -10.00 -7.56 -31.41
CA GLY E 14 -11.31 -10.89 -32.67
CA MET E 15 -11.75 -11.56 -36.38
CA SER E 16 -15.08 -12.75 -37.78
CA GLY E 17 -13.13 -13.88 -40.84
CA GLY E 18 -12.44 -17.37 -39.52
CA THR E 19 -9.24 -16.95 -37.53
CA TRP E 20 -7.82 -14.87 -40.38
CA VAL E 21 -6.61 -12.08 -38.09
CA ASP E 22 -3.31 -10.64 -39.35
CA VAL E 23 -0.82 -9.19 -36.87
CA VAL E 24 2.55 -7.43 -36.88
CA LEU E 25 5.25 -8.27 -34.34
CA GLU E 26 8.06 -6.02 -33.08
CA HIS E 27 10.94 -7.23 -30.92
CA GLY E 28 10.14 -4.42 -28.60
CA GLY E 29 6.46 -5.19 -28.13
CA CYS E 30 3.91 -7.95 -28.19
CA VAL E 31 0.37 -8.26 -29.44
CA THR E 32 -2.30 -10.16 -27.52
CA VAL E 33 -5.04 -11.80 -29.56
CA MET E 34 -8.43 -11.82 -27.83
CA ALA E 35 -11.07 -13.80 -29.70
CA GLN E 36 -14.30 -15.16 -28.21
CA ASP E 37 -13.71 -18.33 -30.24
CA LYS E 38 -10.38 -18.74 -28.47
CA PRO E 39 -8.54 -18.42 -25.21
CA THR E 40 -6.63 -15.18 -25.27
CA VAL E 41 -3.24 -15.91 -26.83
CA ASP E 42 -0.15 -13.83 -26.15
CA ILE E 43 2.35 -13.56 -29.01
CA GLU E 44 5.74 -11.95 -28.71
CA LEU E 45 8.82 -12.00 -30.88
CA VAL E 46 12.10 -12.71 -29.15
CA THR E 47 15.26 -13.06 -31.22
CA THR E 48 15.82 -13.11 -34.96
CA THR E 49 18.85 -15.27 -35.63
CA VAL E 50 20.96 -14.96 -38.78
CA SER E 51 23.27 -17.78 -39.79
CA ASN E 52 25.63 -18.77 -42.61
CA MET E 53 26.96 -15.28 -43.26
CA ALA E 54 29.69 -14.53 -45.81
CA GLU E 55 32.46 -11.93 -45.80
CA VAL E 56 32.37 -8.86 -48.03
CA ARG E 57 35.32 -6.48 -48.27
CA SER E 58 36.79 -5.53 -44.86
CA TYR E 59 38.71 -2.54 -43.60
CA CYS E 60 41.71 -1.44 -41.56
CA TYR E 61 40.85 0.34 -38.36
CA GLU E 62 44.48 0.87 -37.33
CA ALA E 63 47.30 1.49 -39.78
CA SER E 64 50.93 0.71 -39.09
CA ILE E 65 53.96 1.81 -41.05
CA SER E 66 57.28 -0.02 -41.22
CA ASP E 67 60.27 0.97 -43.34
CA MET E 68 60.53 4.44 -44.85
CA ALA E 69 63.10 4.95 -47.60
CA SER E 70 63.57 7.25 -50.55
CA ASP E 71 65.82 8.18 -53.45
CA SER E 72 66.03 11.06 -55.89
CA ARG E 73 67.49 11.32 -59.34
CA CYS E 74 68.25 15.11 -59.40
CA PRO E 75 66.79 17.54 -61.94
CA THR E 76 66.59 15.98 -65.44
CA GLN E 77 65.79 12.39 -64.45
CA GLY E 78 62.43 10.76 -63.85
CA GLU E 79 61.60 9.71 -60.32
CA ALA E 80 64.06 6.98 -59.54
CA TYR E 81 61.96 4.06 -58.48
CA LEU E 82 62.86 2.25 -55.32
CA ASP E 83 62.64 -1.51 -55.33
CA LYS E 84 59.82 -1.05 -52.87
CA GLN E 85 57.50 0.05 -55.67
CA SER E 86 57.41 -3.44 -57.18
CA ASP E 87 56.04 -5.34 -54.19
CA THR E 88 52.75 -3.48 -53.80
CA GLN E 89 52.14 -3.57 -50.06
CA TYR E 90 54.14 -0.31 -50.01
CA VAL E 91 52.66 3.15 -50.23
CA CYS E 92 54.60 5.36 -52.62
CA LYS E 93 54.22 8.98 -53.65
CA ARG E 94 56.32 10.76 -56.24
CA THR E 95 56.68 14.49 -55.60
CA LEU E 96 58.77 17.38 -56.86
CA VAL E 97 61.49 18.76 -54.61
CA ASP E 98 64.30 21.28 -54.99
CA ARG E 99 67.76 19.84 -55.03
CA GLY E 100 70.12 22.78 -55.32
CA TRP E 101 73.85 22.51 -55.86
CA GLY E 102 75.16 21.16 -52.57
CA ASN E 103 72.13 18.94 -52.57
CA GLY E 104 74.69 17.23 -54.79
CA CYS E 105 73.81 18.12 -58.36
CA GLY E 106 73.55 21.16 -60.63
CA LEU E 107 70.27 22.42 -62.07
CA PHE E 108 68.67 24.08 -59.04
CA GLY E 109 65.07 24.10 -60.24
CA LYS E 110 63.25 20.99 -59.08
CA GLY E 111 63.98 17.26 -58.95
CA SER E 112 61.85 14.39 -57.79
CA LEU E 113 61.56 12.27 -54.66
CA VAL E 114 60.00 8.85 -54.37
CA THR E 115 59.28 7.79 -50.80
CA CYS E 116 57.87 4.40 -49.92
CA ALA E 117 56.82 2.61 -46.77
CA LYS E 118 55.68 -0.90 -45.96
CA PHE E 119 52.05 -0.87 -44.94
CA ALA E 120 50.70 -3.52 -42.59
CA CYS E 121 47.26 -3.34 -41.07
CA SER E 122 46.47 -3.72 -37.39
CA LYS E 123 43.19 -5.17 -36.20
CA LYS E 124 40.52 -4.90 -38.93
CA MET E 125 36.81 -4.54 -39.48
CA THR E 126 35.14 -7.10 -41.73
CA GLY E 127 31.68 -6.64 -43.11
CA LYS E 128 29.53 -9.68 -43.62
CA SER E 129 26.60 -10.28 -45.94
CA ILE E 130 23.16 -11.34 -44.76
CA GLN E 131 20.88 -13.07 -47.20
CA PRO E 132 17.16 -13.70 -46.82
CA GLU E 133 17.80 -17.40 -47.07
CA ASN E 134 19.24 -18.99 -43.91
CA LEU E 135 17.32 -16.36 -41.96
CA GLU E 136 15.44 -17.54 -38.90
CA TYR E 137 13.02 -16.19 -36.31
CA ARG E 138 11.89 -17.14 -32.85
CA ILE E 139 8.36 -16.51 -31.63
CA MET E 140 7.48 -17.53 -28.10
CA LEU E 141 3.77 -17.54 -27.35
CA SER E 142 1.66 -18.17 -24.27
CA VAL E 143 -1.97 -18.24 -23.18
CA HIS E 144 -3.41 -16.38 -20.20
CA GLY E 145 -5.97 -18.67 -18.61
CA SER E 146 -4.89 -20.04 -15.23
CA GLN E 147 -1.19 -20.18 -14.40
CA HIS E 148 1.16 -19.22 -11.56
CA SER E 149 1.73 -15.50 -12.12
CA GLY E 150 5.31 -16.22 -11.07
CA MET E 151 5.70 -18.05 -14.38
CA ILE E 152 5.01 -14.87 -16.38
CA VAL E 153 8.60 -14.90 -17.60
CA ASN E 154 10.38 -18.29 -17.86
CA ASP E 155 11.91 -20.53 -20.52
CA THR E 156 12.45 -23.76 -18.57
CA GLY E 157 9.97 -25.92 -20.46
CA HIS E 158 9.43 -23.94 -23.64
CA GLU E 159 8.51 -27.50 -24.62
CA THR E 160 5.97 -28.47 -21.91
CA ASP E 161 4.06 -26.54 -19.21
CA GLU E 162 0.51 -25.24 -19.58
CA ASN E 163 0.81 -24.35 -23.25
CA ARG E 164 3.80 -22.14 -24.00
CA ALA E 165 5.40 -22.99 -27.32
CA LYS E 166 8.56 -21.80 -29.07
CA VAL E 167 7.87 -21.40 -32.75
CA GLU E 168 10.57 -21.18 -35.39
CA ILE E 169 9.96 -19.41 -38.68
CA THR E 170 12.48 -19.44 -41.51
CA PRO E 171 12.08 -18.68 -45.22
CA ASN E 172 11.61 -22.21 -46.62
CA SER E 173 8.61 -22.47 -44.25
CA PRO E 174 6.47 -19.38 -43.71
CA ARG E 175 4.11 -21.41 -41.57
CA ALA E 176 4.30 -23.30 -38.35
CA GLU E 177 1.38 -24.78 -36.46
CA ALA E 178 2.10 -24.34 -32.75
CA THR E 179 0.41 -27.10 -30.77
CA LEU E 180 -0.44 -25.88 -27.29
CA GLY E 181 -1.50 -29.14 -25.69
CA GLY E 182 -5.20 -29.18 -24.91
CA PHE E 183 -5.89 -25.77 -26.38
CA GLY E 184 -5.55 -27.15 -29.88
CA SER E 185 -3.10 -25.44 -32.19
CA LEU E 186 -2.74 -21.86 -33.36
CA GLY E 187 -2.32 -21.66 -37.12
CA LEU E 188 0.49 -19.20 -37.80
CA ASP E 189 1.71 -17.90 -41.17
CA CYS E 190 4.46 -15.30 -41.49
CA GLU E 191 6.34 -13.71 -44.35
CA PRO E 192 10.02 -13.94 -43.35
CA ARG E 193 11.53 -12.55 -46.52
CA THR E 194 9.39 -9.41 -46.54
CA GLY E 195 9.21 -7.70 -43.19
CA LEU E 196 12.69 -7.13 -41.84
CA ASP E 197 13.84 -5.36 -45.04
CA PHE E 198 17.08 -7.33 -45.44
CA SER E 199 19.48 -7.57 -48.39
CA ASP E 200 20.17 -3.90 -47.71
CA LEU E 201 21.96 -4.60 -44.43
CA TYR E 202 25.55 -5.74 -44.19
CA TYR E 203 26.48 -7.25 -40.86
CA LEU E 204 29.50 -5.43 -39.48
CA THR E 205 32.12 -6.18 -36.83
CA MET E 206 34.55 -3.86 -35.14
CA ASN E 207 36.68 -5.37 -32.42
CA ASN E 208 34.35 -7.58 -30.37
CA LYS E 209 31.15 -5.67 -31.19
CA HIS E 210 28.52 -5.64 -33.91
CA TRP E 211 26.12 -3.48 -35.84
CA LEU E 212 23.97 -3.36 -38.94
CA VAL E 213 24.65 -1.04 -41.82
CA HIS E 214 22.56 0.08 -44.75
CA LYS E 215 24.44 -0.58 -47.94
CA GLU E 216 25.66 2.52 -49.77
CA TRP E 217 27.22 3.22 -46.44
CA PHE E 218 29.51 0.25 -45.87
CA HIS E 219 30.02 -0.05 -49.61
CA ASP E 220 31.37 3.49 -49.75
CA ILE E 221 33.77 4.43 -46.99
CA PRO E 222 37.31 5.81 -47.38
CA LEU E 223 39.64 3.35 -45.72
CA PRO E 224 42.03 0.66 -46.91
CA TRP E 225 39.91 -2.34 -47.81
CA HIS E 226 41.03 -5.92 -48.20
CA ALA E 227 39.34 -7.73 -51.04
CA GLY E 228 37.67 -9.94 -48.48
CA ALA E 229 37.60 -13.20 -50.40
CA ASP E 230 41.04 -14.52 -49.34
CA THR E 231 42.51 -14.52 -45.84
CA GLY E 232 46.00 -15.70 -46.74
CA THR E 233 47.77 -12.34 -46.70
CA PRO E 234 46.29 -8.90 -47.28
CA HIS E 235 46.75 -7.47 -50.75
CA TRP E 236 45.15 -4.13 -50.22
CA ASN E 237 43.27 -1.76 -52.38
CA ASN E 238 43.36 1.91 -51.34
CA LYS E 239 46.25 1.89 -48.84
CA GLU E 240 46.48 5.62 -49.12
CA ALA E 241 44.15 7.81 -47.06
CA LEU E 242 44.96 5.93 -43.90
CA VAL E 243 48.55 7.10 -44.57
CA GLU E 244 49.36 10.70 -45.37
CA PHE E 245 52.77 11.16 -46.93
CA LYS E 246 53.41 14.88 -46.66
CA ASP E 247 56.37 17.25 -46.79
CA ALA E 248 57.11 20.97 -46.57
CA HIS E 249 59.55 23.08 -48.59
CA ALA E 250 62.88 21.29 -48.16
CA LYS E 251 64.65 18.03 -48.95
CA ARG E 252 62.25 15.95 -46.90
CA GLN E 253 59.00 14.12 -47.56
CA THR E 254 57.62 12.65 -44.34
CA VAL E 255 54.94 10.03 -43.68
CA VAL E 256 52.37 9.69 -40.89
CA VAL E 257 50.39 6.73 -39.52
CA LEU E 258 47.09 8.46 -38.40
CA GLY E 259 46.68 6.51 -35.12
CA SER E 260 43.96 4.13 -36.19
CA GLN E 261 40.53 5.51 -36.76
CA GLU E 262 38.64 3.15 -34.48
CA GLY E 263 36.99 6.07 -32.76
CA ALA E 264 35.71 7.39 -36.07
CA VAL E 265 33.74 4.34 -37.22
CA HIS E 266 31.90 4.34 -33.90
CA THR E 267 31.16 8.06 -33.94
CA ALA E 268 30.39 7.60 -37.61
CA LEU E 269 27.79 4.88 -37.13
CA ALA E 270 24.52 6.48 -36.15
CA GLY E 271 21.06 5.08 -36.59
CA ALA E 272 22.67 1.69 -36.95
CA LEU E 273 21.31 -1.35 -35.15
CA GLU E 274 23.76 -3.08 -32.85
CA ALA E 275 23.73 -6.85 -33.11
CA GLU E 276 25.26 -9.40 -30.76
CA MET E 277 26.31 -12.90 -31.78
CA ASP E 278 27.71 -16.10 -30.28
CA GLY E 279 29.91 -17.73 -32.91
CA ALA E 280 28.65 -18.37 -36.43
CA LYS E 281 25.10 -17.07 -36.01
CA GLY E 282 24.28 -13.51 -34.97
CA ARG E 283 21.15 -12.59 -33.05
CA LEU E 284 19.82 -9.20 -33.98
CA SER E 285 17.18 -7.60 -32.00
CA SER E 286 14.87 -5.42 -33.99
CA GLY E 287 11.49 -6.98 -34.73
CA HIS E 288 9.46 -6.75 -37.85
CA LEU E 289 7.12 -9.38 -39.29
CA LYS E 290 3.78 -9.70 -40.98
CA CYS E 291 2.09 -12.74 -39.47
CA ARG E 292 -1.38 -13.79 -40.47
CA LEU E 293 -2.55 -15.71 -37.41
CA LYS E 294 -4.97 -18.52 -38.13
CA MET E 295 -7.13 -18.87 -35.02
CA ASP E 296 -9.04 -21.80 -36.53
CA LYS E 297 -8.52 -24.62 -34.04
CA LEU E 298 -8.44 -23.34 -30.47
CA ARG E 299 -10.31 -25.39 -27.90
CA LEU E 300 -11.10 -23.62 -24.65
CA LYS E 301 -10.06 -26.01 -21.93
CA GLY E 302 -12.23 -24.26 -19.35
CA VAL E 303 -15.62 -25.43 -20.55
CA SER E 304 -17.69 -28.12 -18.87
CA TYR E 305 -16.46 -27.55 -15.34
CA SER E 306 -18.27 -26.56 -12.17
CA LEU E 307 -17.58 -23.27 -10.40
CA CYS E 308 -14.73 -23.52 -7.91
CA THR E 309 -16.16 -23.42 -4.38
CA ALA E 310 -15.64 -20.59 -1.90
CA ALA E 311 -12.05 -19.98 -0.80
CA PHE E 312 -10.79 -17.18 -3.03
CA THR E 313 -8.23 -14.84 -1.45
CA PHE E 314 -6.23 -12.39 -3.58
CA THR E 315 -2.44 -12.28 -3.33
CA LYS E 316 -0.05 -9.53 -4.28
CA ILE E 317 -3.15 -7.34 -4.25
CA PRO E 318 -4.26 -6.10 -7.68
CA ALA E 319 -2.42 -3.57 -9.83
CA GLU E 320 -2.79 -1.35 -12.85
CA THR E 321 -1.02 -2.01 -16.14
CA LEU E 322 0.10 0.49 -18.68
CA HIS E 323 -2.73 0.72 -21.21
CA GLY E 324 -5.09 0.30 -18.25
CA THR E 325 -5.65 -3.44 -17.84
CA VAL E 326 -5.71 -4.93 -14.34
CA THR E 327 -4.10 -8.14 -13.18
CA VAL E 328 -5.19 -10.28 -10.26
CA GLU E 329 -3.71 -13.22 -8.45
CA VAL E 330 -6.17 -15.50 -6.68
CA GLN E 331 -5.35 -18.53 -4.57
CA TYR E 332 -8.33 -20.87 -4.40
CA ALA E 333 -7.88 -22.91 -1.26
CA GLY E 334 -11.02 -24.83 -2.07
CA THR E 335 -9.78 -27.91 -3.83
CA ASP E 336 -11.47 -29.94 -6.50
CA GLY E 337 -10.73 -31.18 -10.01
CA PRO E 338 -9.86 -28.28 -12.32
CA CYS E 339 -12.61 -25.87 -11.56
CA LYS E 340 -13.67 -22.83 -13.46
CA VAL E 341 -13.25 -19.58 -11.56
CA PRO E 342 -16.01 -16.95 -11.65
CA ALA E 343 -14.84 -13.42 -12.11
CA GLN E 344 -16.91 -10.40 -12.99
CA MET E 345 -16.10 -6.72 -13.10
CA ALA E 346 -19.22 -5.27 -11.55
CA VAL E 347 -20.47 -1.68 -11.70
CA ASP E 348 -22.47 -2.18 -8.51
CA MET E 349 -22.80 -4.46 -5.48
CA GLN E 350 -26.34 -5.74 -4.91
CA THR E 351 -27.22 -7.24 -8.28
CA LEU E 352 -23.89 -7.84 -9.96
CA THR E 353 -24.18 -7.14 -13.66
CA PRO E 354 -21.19 -7.79 -15.89
CA VAL E 355 -19.45 -4.52 -16.62
CA GLY E 356 -16.47 -4.19 -18.92
CA ARG E 357 -14.50 -6.81 -20.81
CA LEU E 358 -13.01 -9.72 -18.92
CA ILE E 359 -9.99 -10.74 -20.92
CA THR E 360 -8.39 -13.82 -19.57
CA ALA E 361 -10.89 -15.94 -21.44
CA ASN E 362 -12.08 -18.52 -18.95
CA PRO E 363 -9.77 -18.80 -15.94
CA VAL E 364 -9.51 -22.44 -14.91
CA ILE E 365 -7.28 -23.44 -12.04
CA THR E 366 -5.79 -26.83 -12.85
CA GLU E 367 -4.51 -28.64 -9.81
CA SER E 368 -5.65 -31.19 -7.24
CA THR E 369 -3.21 -29.65 -4.76
CA GLU E 370 -6.01 -27.99 -2.70
CA ASN E 371 -3.96 -24.77 -2.83
CA SER E 372 -3.42 -23.25 -6.26
CA LYS E 373 -2.84 -19.92 -7.97
CA MET E 374 -4.31 -18.43 -11.13
CA MET E 375 -3.42 -15.09 -12.67
CA LEU E 376 -6.40 -13.67 -14.52
CA GLU E 377 -6.43 -10.15 -15.88
CA LEU E 378 -9.28 -7.91 -16.97
CA ASP E 379 -9.98 -4.35 -18.12
CA PRO E 380 -12.82 -2.73 -16.18
CA PRO E 381 -14.73 0.41 -17.22
CA PHE E 382 -13.52 3.95 -16.68
CA GLY E 383 -15.45 4.90 -13.55
CA ASP E 384 -15.08 3.30 -10.16
CA SER E 385 -15.92 -0.40 -10.27
CA TYR E 386 -15.50 -3.59 -8.29
CA ILE E 387 -13.47 -6.65 -9.15
CA VAL E 388 -15.38 -9.64 -7.83
CA ILE E 389 -14.38 -13.28 -7.48
CA GLY E 390 -16.61 -16.13 -6.34
CA VAL E 391 -20.30 -16.95 -6.10
CA GLY E 392 -20.70 -18.13 -2.51
CA GLU E 393 -21.25 -15.94 0.54
CA LYS E 394 -17.50 -16.30 1.09
CA LYS E 395 -16.75 -14.36 -2.10
CA ILE E 396 -14.15 -11.62 -1.79
CA THR E 397 -14.15 -8.37 -3.72
CA HIS E 398 -11.79 -5.49 -4.35
CA HIS E 399 -12.43 -1.93 -5.42
CA TRP E 400 -10.54 -0.57 -8.37
CA HIS E 401 -10.59 2.69 -10.30
CA ARG E 402 -9.70 3.67 -13.87
CA SER E 403 -8.35 7.08 -14.82
CA GLY E 404 -9.63 8.23 -18.20
CA SER E 405 -12.61 7.48 -20.38
CA THR E 406 -13.89 7.70 -23.92
CA ILE E 407 -12.03 10.58 -25.55
CA GLY E 408 -9.32 9.79 -23.03
CA LYS E 409 -8.82 6.28 -24.29
CA ALA E 410 -9.03 7.41 -27.92
CA PHE E 411 -6.14 9.87 -27.91
CA GLU E 412 -3.73 7.41 -26.29
CA ALA E 413 -4.79 4.91 -28.95
CA THR E 414 -4.56 7.56 -31.66
CA VAL E 415 -0.95 8.29 -30.73
CA ARG E 416 0.22 4.69 -30.70
CA GLY E 417 -1.49 4.14 -34.02
CA ALA E 418 0.39 7.01 -35.60
CA LYS E 419 3.49 5.65 -33.87
CA ARG E 420 3.13 2.55 -35.99
CA MET E 421 2.77 4.59 -39.16
CA ALA E 422 5.99 6.28 -38.10
CA VAL E 423 8.04 3.18 -37.30
CA LEU E 424 6.62 0.95 -39.99
CA GLY E 425 4.67 2.60 -42.75
CA ASP E 426 3.28 0.28 -45.37
CA THR E 427 2.58 -2.90 -43.41
CA ALA E 428 1.25 -0.82 -40.52
CA TRP E 429 -2.11 -1.38 -42.19
CA ASP E 430 -1.89 -5.10 -41.42
CA PHE E 431 -3.59 -5.22 -38.01
CA GLY E 432 -7.11 -4.97 -39.42
CA SER E 433 -8.62 -8.26 -40.50
CA VAL E 434 -9.89 -9.56 -43.83
CA GLY E 435 -10.08 -7.51 -47.00
CA GLY E 436 -11.77 -4.30 -45.97
CA ALA E 437 -11.75 -1.64 -48.66
CA LEU E 438 -10.63 1.08 -46.29
CA ASN E 439 -7.91 -1.34 -45.19
CA SER E 440 -7.35 -2.57 -48.76
CA LEU E 441 -6.72 0.92 -50.16
CA GLY E 442 -5.18 1.79 -46.80
CA LYS E 443 -1.98 -0.02 -47.68
CA GLY E 444 -2.75 0.89 -51.25
CA ILE E 445 -2.70 4.67 -51.16
CA HIS E 446 0.09 4.53 -48.59
CA GLN E 447 2.65 2.36 -50.39
CA ILE E 448 2.63 4.62 -53.44
CA PHE E 449 2.64 7.97 -51.69
CA GLY E 450 5.08 6.44 -49.23
CA ALA E 451 7.85 5.31 -51.56
CA ALA E 452 7.82 8.70 -53.27
CA PHE E 453 8.41 10.20 -49.85
CA LYS E 454 11.09 7.55 -49.30
CA SER E 455 12.93 8.98 -52.31
CA LEU E 456 12.32 12.74 -52.67
CA PHE E 457 12.86 13.40 -49.00
CA GLY E 458 14.64 10.84 -46.87
CA GLY E 459 18.01 12.51 -46.65
CA MET E 460 18.58 12.56 -42.91
CA SER E 461 17.06 12.95 -39.46
CA TRP E 462 17.12 15.14 -36.37
CA PHE E 463 18.23 18.68 -37.10
CA SER E 464 18.30 17.74 -40.78
CA GLN E 465 14.71 16.57 -41.04
CA ILE E 466 13.22 19.27 -38.84
CA LEU E 467 14.80 22.15 -40.75
CA ILE E 468 13.72 21.14 -44.26
CA GLY E 469 10.54 20.24 -42.46
CA THR E 470 10.04 23.52 -40.64
CA LEU E 471 10.77 25.67 -43.69
CA LEU E 472 7.93 24.01 -45.60
CA MET E 473 5.38 24.85 -42.91
CA TRP E 474 6.39 28.45 -43.56
CA LEU E 475 5.36 28.11 -47.20
CA GLY E 476 1.89 27.08 -46.07
CA LEU E 477 1.28 30.27 -44.13
CA ASN E 478 2.62 32.33 -47.04
CA THR E 479 2.57 31.78 -50.81
CA LYS E 480 -0.61 31.37 -52.87
CA ASN E 481 -3.46 29.04 -51.93
CA GLY E 482 -2.84 26.36 -54.55
CA SER E 483 0.50 25.04 -53.33
CA ILE E 484 0.10 25.96 -49.67
CA SER E 485 -2.39 23.10 -49.62
CA LEU E 486 0.24 20.43 -50.28
CA MET E 487 3.24 22.12 -48.69
CA CYS E 488 1.60 23.06 -45.38
CA LEU E 489 0.66 19.41 -45.17
CA ALA E 490 4.06 18.06 -46.19
CA LEU E 491 5.57 19.81 -43.17
CA GLY E 492 3.44 17.72 -40.86
CA GLY E 493 4.57 14.73 -42.87
CA VAL E 494 8.16 15.51 -42.00
CA LEU E 495 7.66 16.86 -38.47
CA ILE E 496 5.78 13.71 -37.44
CA PHE E 497 8.62 11.48 -38.60
CA LEU E 498 10.82 13.76 -36.50
CA SER E 499 8.39 13.54 -33.60
CA THR E 500 8.74 9.76 -33.26
CA ALA E 501 11.45 9.99 -30.60
CA ALA F 1 40.86 11.87 -44.82
CA VAL F 2 37.55 12.68 -43.13
CA THR F 3 34.47 11.97 -45.25
CA LEU F 4 33.69 8.83 -43.26
CA PRO F 5 30.06 9.63 -44.10
CA SER F 6 27.50 9.63 -41.34
CA HIS F 7 25.30 6.55 -41.37
CA SER F 8 22.49 8.75 -40.09
CA THR F 9 21.65 9.42 -43.74
CA ARG F 10 20.06 5.98 -44.06
CA LYS F 11 18.85 5.37 -40.52
CA LEU F 12 17.77 1.82 -39.78
CA GLN F 13 14.37 2.29 -38.17
CA THR F 14 12.89 -0.11 -35.64
CA ARG F 15 11.72 -0.16 -32.07
CA SER F 16 15.06 -0.93 -30.40
CA GLN F 17 17.02 2.24 -29.75
CA THR F 18 19.54 2.90 -32.48
CA TRP F 19 23.29 3.18 -31.95
CA LEU F 20 23.57 6.62 -30.39
CA GLU F 21 20.13 7.96 -29.70
CA SER F 22 21.16 10.37 -26.96
CA ARG F 23 24.05 12.16 -28.61
CA GLU F 24 22.23 12.22 -31.95
CA TYR F 25 19.75 14.83 -30.72
CA THR F 26 22.20 17.63 -29.86
CA LYS F 27 25.14 16.60 -32.06
CA HIS F 28 23.96 18.70 -34.99
CA LEU F 29 23.10 21.67 -32.79
CA ILE F 30 25.99 21.74 -30.33
CA ARG F 31 28.49 22.20 -33.15
CA VAL F 32 26.89 25.48 -34.18
CA GLU F 33 26.43 26.81 -30.66
CA ASN F 34 30.19 26.48 -30.28
CA TRP F 35 31.46 27.87 -33.58
CA ILE F 36 29.49 31.08 -33.07
CA PHE F 37 30.82 31.58 -29.56
CA ARG F 38 34.26 31.40 -31.14
CA ASN F 39 33.56 33.80 -34.01
CA PRO F 40 30.84 36.40 -33.55
CA GLY F 41 31.88 37.81 -36.87
CA PHE F 42 30.18 35.77 -39.59
CA ALA F 43 26.95 36.71 -37.86
CA LEU F 44 27.77 40.42 -37.77
CA ALA F 45 28.27 40.62 -41.52
CA ALA F 46 25.61 38.01 -42.27
CA ALA F 47 22.84 40.61 -42.32
CA ALA F 48 24.79 42.49 -45.00
CA ILE F 49 24.64 39.35 -47.12
CA ALA F 50 21.02 39.07 -46.03
CA TRP F 51 19.73 42.60 -46.64
CA LEU F 52 21.34 42.55 -50.06
CA LEU F 53 19.78 39.16 -50.87
CA GLY F 54 16.07 38.69 -51.55
CA SER F 55 15.24 42.05 -50.02
CA SER F 56 11.88 41.12 -48.47
CA THR F 57 11.31 40.56 -44.76
CA SER F 58 11.07 36.83 -44.16
CA GLN F 59 12.38 36.09 -47.65
CA LYS F 60 15.41 38.12 -46.57
CA VAL F 61 15.51 36.42 -43.18
CA ILE F 62 15.72 32.83 -44.45
CA TYR F 63 19.11 33.79 -45.81
CA LEU F 64 20.40 35.14 -42.50
CA VAL F 65 19.46 31.76 -41.04
CA MET F 66 20.73 29.77 -44.02
CA ILE F 67 24.01 31.71 -44.02
CA LEU F 68 24.85 31.52 -40.32
CA LEU F 69 23.87 27.86 -40.61
CA ILE F 70 26.03 27.02 -43.64
CA ALA F 71 28.80 29.01 -41.95
CA PRO F 72 29.91 26.46 -39.33
CA ALA F 73 30.43 23.31 -41.41
CA TYR F 74 32.54 21.80 -44.19
CA SER F 75 29.46 22.38 -46.34
CA GLU G 1 2.95 -43.35 21.75
CA VAL G 2 0.80 -40.31 21.01
CA GLN G 3 -2.10 -40.35 23.45
CA LEU G 4 -5.07 -38.19 24.42
CA VAL G 5 -6.21 -38.76 28.01
CA GLN G 6 -9.56 -37.37 29.08
CA SER G 7 -11.06 -36.57 32.48
CA GLY G 8 -13.53 -38.88 34.21
CA ALA G 9 -17.22 -39.50 33.79
CA GLU G 10 -19.60 -36.62 34.57
CA VAL G 11 -23.18 -36.46 35.83
CA LYS G 12 -25.17 -33.22 35.62
CA LYS G 13 -28.72 -31.90 35.99
CA PRO G 14 -30.59 -30.21 33.14
CA GLY G 15 -29.47 -26.61 32.92
CA ALA G 16 -26.02 -27.27 34.35
CA SER G 17 -22.68 -27.11 32.54
CA VAL G 18 -19.77 -29.54 32.24
CA LYS G 19 -16.07 -29.02 31.54
CA VAL G 20 -14.17 -31.94 30.03
CA SER G 21 -10.37 -32.03 29.81
CA CYS G 22 -8.04 -33.72 27.33
CA LYS G 23 -4.34 -34.11 28.15
CA ALA G 24 -1.98 -34.72 25.22
CA SER G 25 1.24 -36.73 25.33
CA GLY G 26 3.77 -38.25 22.95
CA TYR G 27 4.07 -35.08 20.87
CA THR G 28 4.64 -31.38 21.43
CA PHE G 29 1.24 -29.83 22.13
CA THR G 30 2.14 -26.53 20.43
CA SER G 31 4.29 -25.93 17.38
CA GLY G 32 6.69 -23.21 18.46
CA HIS G 33 7.55 -22.74 14.76
CA THR G 34 9.39 -26.10 14.82
CA PHE G 35 7.10 -29.03 15.62
CA PRO G 36 4.23 -30.34 13.48
CA SER G 37 1.07 -28.43 14.31
CA TYR G 38 -1.95 -30.31 15.64
CA ASP G 39 -5.40 -29.11 16.58
CA ILE G 40 -7.76 -30.65 19.15
CA ASN G 41 -11.30 -31.35 17.90
CA TRP G 42 -14.22 -32.65 19.94
CA VAL G 43 -16.77 -35.22 18.79
CA ARG G 44 -19.63 -36.68 20.79
CA GLN G 45 -21.72 -39.82 20.36
CA ALA G 46 -24.92 -40.82 22.12
CA THR G 47 -25.21 -44.55 22.86
CA GLY G 48 -26.14 -46.45 19.74
CA GLN G 49 -25.90 -43.30 17.61
CA GLY G 50 -23.44 -41.77 15.17
CA LEU G 51 -20.64 -39.26 15.49
CA GLU G 52 -21.47 -35.57 15.96
CA TRP G 53 -18.90 -32.82 15.49
CA MET G 54 -18.73 -30.08 18.10
CA GLY G 55 -15.78 -27.88 17.17
CA TRP G 56 -12.05 -27.45 16.65
CA MET G 57 -9.39 -25.66 18.65
CA ASN G 58 -5.87 -24.74 17.53
CA PRO G 59 -3.83 -24.76 20.78
CA ASN G 60 -1.12 -22.52 19.31
CA ARG G 61 -3.13 -19.26 19.42
CA GLY G 62 -6.31 -20.76 20.91
CA ASN G 63 -8.54 -19.79 18.01
CA THR G 64 -11.60 -21.96 17.58
CA GLY G 65 -14.50 -22.83 15.35
CA TYR G 66 -17.69 -24.36 16.74
CA ALA G 67 -20.38 -26.32 14.96
CA GLN G 68 -23.55 -24.25 14.34
CA LYS G 69 -25.54 -26.58 16.60
CA PHE G 70 -23.49 -25.65 19.71
CA GLN G 71 -22.54 -22.03 18.96
CA GLY G 72 -23.30 -19.91 22.00
CA ARG G 73 -23.12 -22.69 24.60
CA VAL G 74 -19.68 -24.23 23.97
CA THR G 75 -16.18 -23.01 24.77
CA MET G 76 -12.92 -24.71 23.84
CA THR G 77 -9.79 -23.58 25.69
CA ARG G 78 -6.36 -24.95 26.58
CA ASN G 79 -3.61 -24.58 29.17
CA THR G 80 -0.47 -25.07 27.06
CA SER G 81 1.81 -25.28 30.07
CA ILE G 82 0.20 -28.65 31.01
CA ASN G 83 -0.64 -29.95 27.51
CA THR G 84 -4.39 -29.96 28.27
CA ALA G 85 -7.34 -28.86 26.15
CA TYR G 86 -10.81 -28.25 27.56
CA MET G 87 -14.37 -28.36 26.30
CA GLU G 88 -17.14 -26.69 28.27
CA LEU G 89 -20.76 -27.30 27.32
CA SER G 90 -23.44 -25.22 29.08
CA SER G 91 -27.27 -25.28 29.21
CA LEU G 92 -27.15 -29.06 29.41
CA ARG G 93 -30.27 -30.81 28.15
CA SER G 94 -30.90 -34.55 28.36
CA GLU G 95 -30.15 -34.81 24.62
CA ASP G 96 -26.55 -33.95 25.55
CA THR G 97 -26.17 -37.34 27.28
CA ALA G 98 -23.38 -38.89 25.22
CA VAL G 99 -19.73 -39.93 25.16
CA TYR G 100 -17.53 -36.89 24.48
CA TYR G 101 -14.30 -37.50 22.57
CA CYS G 102 -11.38 -35.23 21.98
CA ALA G 103 -9.40 -35.98 18.82
CA ARG G 104 -6.20 -34.75 17.21
CA VAL G 105 -5.92 -33.54 13.59
CA ARG G 106 -3.07 -31.77 11.80
CA SER G 107 -3.83 -28.04 12.04
CA GLY G 108 -5.72 -26.65 9.09
CA THR G 109 -4.78 -24.01 6.54
CA ASN G 110 -6.11 -20.46 6.84
CA TYR G 111 -7.74 -18.99 3.76
CA GLY G 112 -8.45 -15.55 5.22
CA SER G 113 -11.23 -16.15 7.72
CA TYR G 114 -11.81 -19.70 6.41
CA TYR G 115 -10.26 -22.82 7.95
CA TYR G 116 -9.55 -25.91 5.83
CA TYR G 117 -8.72 -29.37 7.19
CA TYR G 118 -7.00 -31.93 5.00
CA TYR G 119 -6.20 -34.73 7.50
CA GLY G 120 -8.18 -37.21 9.55
CA MET G 121 -8.70 -37.37 13.28
CA ASP G 122 -5.66 -39.55 13.82
CA VAL G 123 -5.65 -39.99 17.64
CA TRP G 124 -8.78 -40.10 19.84
CA GLY G 125 -9.14 -39.81 23.60
CA GLN G 126 -10.76 -42.68 25.48
CA GLY G 127 -13.94 -40.58 25.83
CA THR G 128 -15.80 -39.18 28.80
CA THR G 129 -19.43 -40.04 29.44
CA VAL G 130 -21.64 -37.08 30.33
CA THR G 131 -25.00 -38.00 31.84
CA VAL G 132 -27.66 -35.32 31.86
CA SER G 133 -30.76 -36.30 33.83
CA SER G 134 -33.02 -34.93 36.53
CA ALA G 135 -32.18 -38.02 38.60
CA SER G 136 -29.94 -37.83 41.64
CA THR G 137 -27.00 -40.14 42.39
CA LYS G 138 -28.10 -43.36 44.11
CA GLY G 139 -26.29 -46.55 45.00
CA PRO G 140 -27.71 -49.91 43.95
CA SER G 141 -29.61 -52.55 45.83
CA VAL G 142 -27.89 -55.89 45.23
CA PHE G 143 -30.03 -58.93 45.17
CA PRO G 144 -28.79 -62.53 44.87
CA LEU G 145 -29.82 -64.56 41.85
CA ALA G 146 -29.69 -67.91 43.62
CA PRO G 147 -29.02 -71.10 41.66
CA SER G 148 -31.59 -73.82 42.05
CA SER G 149 -32.08 -77.01 40.09
CA LYS G 150 -33.83 -74.70 37.55
CA SER G 151 -30.62 -72.65 37.09
CA THR G 152 -28.53 -75.84 36.68
CA SER G 153 -27.68 -77.71 33.48
CA GLY G 154 -25.40 -80.73 33.61
CA GLY G 155 -22.73 -80.28 36.23
CA THR G 156 -22.78 -76.47 35.89
CA ALA G 157 -24.89 -73.94 37.81
CA ALA G 158 -25.59 -70.29 36.97
CA LEU G 159 -25.62 -67.86 39.85
CA GLY G 160 -25.42 -64.13 39.90
CA CYS G 161 -26.20 -60.76 41.37
CA LEU G 162 -28.93 -58.36 40.34
CA VAL G 163 -27.65 -54.79 40.68
CA LYS G 164 -30.84 -52.74 40.84
CA ASP G 165 -31.85 -49.06 40.83
CA TYR G 166 -28.58 -47.13 40.71
CA PHE G 167 -27.63 -43.83 39.11
CA PRO G 168 -25.65 -42.95 37.31
CA GLU G 169 -23.41 -45.31 35.39
CA PRO G 170 -21.18 -47.18 35.91
CA VAL G 171 -20.94 -50.12 38.27
CA THR G 172 -18.25 -52.79 38.16
CA VAL G 173 -18.85 -56.34 39.38
CA SER G 174 -16.15 -58.80 40.39
CA TRP G 175 -16.47 -62.25 41.94
CA ASN G 176 -14.48 -63.49 44.96
CA SER G 177 -12.48 -60.23 44.87
CA GLY G 178 -11.19 -60.87 41.33
CA ALA G 179 -10.09 -64.47 42.00
CA LEU G 180 -12.96 -65.79 39.84
CA THR G 181 -12.91 -64.73 36.18
CA SER G 182 -13.79 -67.84 34.14
CA GLY G 183 -17.47 -68.15 33.31
CA VAL G 184 -18.19 -64.63 34.61
CA HIS G 185 -20.38 -62.43 32.46
CA THR G 186 -21.45 -58.93 33.47
CA PHE G 187 -24.22 -57.74 31.18
CA PRO G 188 -24.85 -54.20 29.92
CA ALA G 189 -27.17 -52.03 31.99
CA VAL G 190 -30.79 -51.19 31.25
CA LEU G 191 -32.22 -47.72 31.89
CA GLN G 192 -35.68 -47.91 33.43
CA SER G 193 -38.36 -45.27 32.99
CA SER G 194 -37.55 -44.22 36.55
CA GLY G 195 -34.25 -42.88 35.27
CA LEU G 196 -32.39 -45.56 37.27
CA TYR G 197 -30.09 -48.24 35.85
CA SER G 198 -29.92 -51.98 36.52
CA LEU G 199 -27.61 -54.78 35.38
CA SER G 200 -26.69 -58.36 36.18
CA SER G 201 -23.48 -60.29 36.63
CA VAL G 202 -23.73 -64.08 36.39
CA VAL G 203 -21.27 -66.92 36.92
CA THR G 204 -21.45 -70.46 35.59
CA VAL G 205 -19.72 -72.75 38.12
CA PRO G 206 -19.56 -76.54 38.60
CA SER G 207 -22.69 -77.64 40.46
CA SER G 208 -20.50 -79.80 42.71
CA SER G 209 -18.75 -76.76 44.24
CA LEU G 210 -22.05 -75.26 45.47
CA GLY G 211 -21.55 -77.00 48.80
CA THR G 212 -17.76 -76.54 48.99
CA GLN G 213 -16.95 -73.08 47.56
CA THR G 214 -18.28 -69.66 48.54
CA TYR G 215 -19.33 -67.15 45.86
CA ILE G 216 -19.34 -63.41 46.58
CA CYS G 217 -20.13 -60.71 44.03
CA ASN G 218 -18.31 -57.42 44.70
CA VAL G 219 -20.33 -54.51 43.34
CA ASN G 220 -18.64 -51.12 43.15
CA HIS G 221 -20.58 -47.95 42.33
CA LYS G 222 -17.98 -45.21 42.58
CA PRO G 223 -20.37 -42.33 41.65
CA SER G 224 -22.16 -42.91 44.98
CA ASN G 225 -19.02 -44.17 46.78
CA THR G 226 -20.80 -47.46 47.52
CA LYS G 227 -19.35 -50.97 47.64
CA VAL G 228 -21.58 -54.00 48.22
CA ASP G 229 -20.43 -57.56 48.86
CA LYS G 230 -23.15 -60.19 48.52
CA ARG G 231 -22.74 -63.93 48.99
CA VAL G 232 -24.90 -65.90 46.56
CA GLU G 233 -26.04 -69.29 47.91
CA PRO G 234 -28.20 -72.10 46.47
CA LYS G 235 -31.67 -72.00 48.15
CA SER H 1 -60.55 -3.19 50.05
CA TYR H 2 -57.44 -5.08 48.85
CA GLU H 3 -56.02 -4.31 45.41
CA LEU H 4 -53.83 -7.42 45.25
CA THR H 5 -55.55 -10.81 45.15
CA GLN H 6 -54.27 -13.93 46.89
CA PRO H 7 -56.08 -17.17 47.81
CA PRO H 8 -57.78 -16.94 51.21
CA SER H 9 -56.24 -20.18 52.40
CA ALA H 10 -53.60 -22.79 51.70
CA SER H 11 -52.72 -25.98 53.52
CA GLY H 12 -50.27 -28.87 53.70
CA THR H 13 -48.53 -31.36 55.89
CA PRO H 14 -44.94 -30.77 57.05
CA GLY H 15 -42.46 -31.32 54.23
CA GLN H 16 -44.77 -30.41 51.39
CA ARG H 17 -44.04 -27.50 49.06
CA VAL H 18 -46.63 -24.71 49.29
CA THR H 19 -46.91 -21.83 46.79
CA ILE H 20 -49.11 -18.74 47.28
CA SER H 21 -50.03 -16.57 44.32
CA CYS H 22 -50.47 -12.79 44.33
CA SER H 23 -52.14 -11.04 41.38
CA GLY H 24 -51.73 -7.34 40.65
CA SER H 25 -51.70 -4.95 37.73
CA SER H 26 -49.19 -3.05 35.62
CA SER H 27 -49.07 -0.14 38.06
CA ASN H 28 -48.05 -2.23 41.09
CA ILE H 29 -46.36 -5.63 40.64
CA GLY H 30 -45.95 -5.04 36.91
CA ASN H 31 -43.67 -2.00 37.35
CA ASN H 32 -42.63 -2.30 41.01
CA TYR H 33 -41.94 -5.14 43.48
CA VAL H 34 -43.69 -7.91 45.38
CA HIS H 35 -42.99 -8.06 49.09
CA TRP H 36 -44.40 -10.64 51.49
CA TYR H 37 -45.28 -10.31 55.17
CA GLN H 38 -45.79 -13.19 57.57
CA GLN H 39 -48.00 -12.63 60.61
CA LEU H 40 -47.71 -15.39 63.19
CA PRO H 41 -50.65 -15.85 65.57
CA GLY H 42 -50.87 -13.09 68.15
CA SER H 43 -47.98 -11.21 66.50
CA ALA H 44 -47.28 -8.17 64.42
CA PRO H 45 -46.50 -8.81 60.75
CA LYS H 46 -42.84 -9.08 59.79
CA LEU H 47 -40.95 -8.81 56.52
CA LEU H 48 -40.52 -12.28 55.00
CA ILE H 49 -39.53 -11.63 51.37
CA TYR H 50 -38.72 -8.31 49.75
CA ARG H 51 -37.98 -7.17 46.19
CA ASN H 52 -39.61 -10.30 44.67
CA ASN H 53 -37.03 -12.80 45.92
CA GLN H 54 -34.77 -11.34 48.62
CA ARG H 55 -34.65 -13.01 52.04
CA PRO H 56 -34.00 -10.92 55.17
CA SER H 57 -31.62 -12.19 57.83
CA GLY H 58 -33.37 -14.73 60.00
CA VAL H 59 -35.86 -15.98 57.39
CA PRO H 60 -35.23 -19.69 56.71
CA ASP H 61 -34.12 -20.56 53.18
CA ARG H 62 -37.28 -22.67 52.84
CA PHE H 63 -39.04 -19.39 51.97
CA SER H 64 -38.57 -18.06 48.47
CA GLY H 65 -40.30 -15.64 46.15
CA SER H 66 -40.61 -14.82 42.50
CA LYS H 67 -42.33 -12.30 40.22
CA SER H 68 -43.60 -12.80 36.68
CA GLY H 69 -45.35 -9.99 34.84
CA THR H 70 -48.15 -8.65 37.05
CA SER H 71 -48.02 -11.68 39.38
CA GLY H 72 -45.81 -12.89 42.18
CA SER H 73 -45.49 -16.12 44.11
CA LEU H 74 -44.38 -17.14 47.60
CA ALA H 75 -42.89 -20.63 47.83
CA ILE H 76 -42.52 -22.56 51.08
CA SER H 77 -40.35 -25.53 50.18
CA GLY H 78 -40.59 -28.02 53.01
CA LEU H 79 -43.52 -26.81 55.10
CA ARG H 80 -43.12 -26.70 58.89
CA SER H 81 -45.78 -26.51 61.60
CA GLU H 82 -44.60 -23.05 62.65
CA ASP H 83 -45.41 -21.82 59.11
CA GLU H 84 -49.05 -21.80 60.19
CA ALA H 85 -49.59 -18.08 59.76
CA ASP H 86 -51.16 -15.35 57.65
CA TYR H 87 -49.15 -14.23 54.62
CA TYR H 88 -49.68 -10.87 52.95
CA CYS H 89 -48.25 -9.81 49.63
CA ALA H 90 -47.64 -6.13 48.93
CA SER H 91 -46.53 -3.75 46.21
CA TRP H 92 -46.14 -0.01 45.63
CA ASP H 93 -48.76 1.24 43.17
CA ASP H 94 -47.88 4.38 41.20
CA SER H 95 -51.27 5.02 39.54
CA LEU H 96 -52.79 8.39 40.53
CA SER H 97 -50.82 9.05 43.73
CA GLY H 98 -48.32 6.60 45.17
CA HIS H 99 -49.87 4.07 47.51
CA TRP H 100 -49.05 0.75 49.14
CA VAL H 101 -51.40 -2.02 48.05
CA PHE H 102 -51.86 -5.36 49.82
CA GLY H 103 -53.37 -8.73 49.15
CA GLY H 104 -56.29 -9.84 51.26
CA GLY H 105 -54.03 -12.41 52.90
CA THR H 106 -53.58 -16.18 52.81
CA LYS H 107 -54.06 -18.22 55.99
CA VAL H 108 -51.75 -21.25 55.82
CA THR H 109 -52.74 -24.34 57.86
CA VAL H 110 -50.09 -26.99 58.56
CA LEU H 111 -51.70 -30.37 59.31
CA GLY H 112 -48.89 -31.68 61.48
CA GLN H 113 -50.80 -33.34 64.35
CA PRO H 114 -53.07 -36.37 64.57
CA LYS H 115 -56.78 -35.68 64.75
CA ALA H 116 -57.93 -35.04 68.34
CA ALA H 117 -61.57 -34.84 69.48
CA PRO H 118 -62.60 -31.78 71.52
CA SER H 119 -62.72 -31.69 75.30
CA VAL H 120 -65.92 -29.93 76.47
CA THR H 121 -66.66 -28.41 79.89
CA LEU H 122 -70.02 -26.70 80.45
CA PHE H 123 -70.64 -24.42 83.44
CA PRO H 124 -74.13 -23.41 84.52
CA PRO H 125 -74.91 -19.87 85.71
CA SER H 126 -73.56 -19.26 89.18
CA SER H 127 -76.16 -18.43 91.84
CA GLU H 128 -74.22 -15.21 92.36
CA GLU H 129 -74.97 -14.24 88.74
CA LEU H 130 -78.63 -15.25 88.98
CA GLN H 131 -78.94 -12.96 92.00
CA ALA H 132 -77.73 -10.22 89.61
CA ASN H 133 -80.76 -11.04 87.37
CA LYS H 134 -78.48 -12.47 84.67
CA ALA H 135 -77.53 -15.95 83.47
CA THR H 136 -74.56 -17.05 81.37
CA LEU H 137 -73.69 -20.58 80.31
CA VAL H 138 -69.96 -20.99 79.61
CA CYS H 139 -68.78 -23.77 77.30
CA LEU H 140 -65.02 -24.25 77.17
CA ILE H 141 -63.67 -26.35 74.29
CA SER H 142 -60.09 -27.60 74.38
CA ASP H 143 -57.52 -30.10 73.10
CA PHE H 144 -59.00 -30.60 69.62
CA TYR H 145 -57.21 -30.91 66.28
CA PRO H 146 -57.56 -29.57 63.62
CA GLY H 147 -58.76 -26.16 64.79
CA ALA H 148 -62.26 -25.93 63.33
CA VAL H 149 -65.41 -26.51 65.39
CA THR H 150 -68.99 -25.37 65.24
CA VAL H 151 -70.96 -24.84 68.42
CA ALA H 152 -74.71 -25.47 68.75
CA TRP H 153 -76.66 -24.57 71.89
CA LYS H 154 -79.82 -26.39 72.97
CA ALA H 155 -82.64 -25.71 75.39
CA ASP H 156 -83.56 -29.31 76.23
CA SER H 157 -83.24 -30.41 72.58
CA SER H 158 -84.43 -27.28 70.74
CA PRO H 159 -81.95 -24.94 69.00
CA VAL H 160 -80.97 -21.60 70.51
CA LYS H 161 -79.24 -19.04 68.29
CA ALA H 162 -80.02 -15.82 70.18
CA GLY H 163 -77.55 -14.76 72.85
CA VAL H 164 -74.67 -16.93 71.57
CA GLU H 165 -71.09 -15.65 71.41
CA THR H 166 -68.25 -18.01 70.50
CA THR H 167 -64.54 -17.28 70.10
CA THR H 168 -62.29 -18.22 67.23
CA PRO H 169 -60.14 -21.26 68.01
CA SER H 170 -56.52 -20.55 68.97
CA LYS H 171 -53.63 -22.94 69.35
CA GLN H 172 -52.60 -23.92 72.88
CA SER H 173 -49.09 -24.75 74.08
CA ASN H 174 -49.65 -28.47 73.40
CA ASN H 175 -50.21 -27.62 69.68
CA LYS H 176 -53.93 -28.46 69.94
CA TYR H 177 -56.72 -25.89 69.77
CA ALA H 178 -59.14 -24.31 72.23
CA ALA H 179 -62.24 -22.13 71.99
CA SER H 180 -65.12 -20.92 74.14
CA SER H 181 -68.83 -20.23 73.71
CA TYR H 182 -71.37 -18.32 75.79
CA LEU H 183 -75.15 -18.60 76.01
CA SER H 184 -76.79 -15.57 77.61
CA LEU H 185 -80.24 -16.24 79.11
CA THR H 186 -82.66 -14.66 81.47
CA PRO H 187 -82.83 -16.46 84.84
CA GLU H 188 -86.46 -17.35 84.04
CA GLN H 189 -85.44 -18.93 80.74
CA TRP H 190 -82.71 -20.81 82.59
CA LYS H 191 -85.16 -22.16 85.19
CA SER H 192 -87.94 -22.91 82.70
CA HIS H 193 -86.05 -25.82 81.05
CA ARG H 194 -84.95 -29.18 82.35
CA SER H 195 -81.52 -28.80 80.77
CA TYR H 196 -79.39 -26.83 78.34
CA SER H 197 -76.66 -28.34 76.20
CA CYS H 198 -73.50 -27.24 74.45
CA GLN H 199 -72.87 -29.29 71.30
CA VAL H 200 -69.42 -29.12 69.70
CA THR H 201 -69.03 -30.64 66.24
CA HIS H 202 -65.50 -31.42 65.11
CA GLU H 203 -64.73 -33.36 61.90
CA GLY H 204 -68.29 -34.65 61.57
CA SER H 205 -68.38 -35.97 65.15
CA THR H 206 -70.24 -34.20 67.97
CA VAL H 207 -69.37 -34.01 71.67
CA GLU H 208 -72.13 -32.78 74.00
CA LYS H 209 -72.27 -31.40 77.54
CA THR H 210 -75.46 -30.73 79.51
CA VAL H 211 -76.29 -28.68 82.61
CA ALA H 212 -79.51 -28.40 84.58
CA PRO H 213 -81.00 -25.95 87.11
CA THR H 214 -79.54 -27.21 90.37
CA GLU I 1 -30.96 -3.89 66.73
CA VAL I 2 -33.56 -1.72 65.03
CA GLN I 3 -36.75 -1.32 67.03
CA LEU I 4 -39.99 0.66 66.81
CA VAL I 5 -41.79 0.94 70.18
CA GLN I 6 -45.33 2.27 70.07
CA SER I 7 -47.50 3.94 72.69
CA GLY I 8 -50.12 1.98 74.62
CA ALA I 9 -53.71 1.03 73.82
CA GLU I 10 -56.22 3.85 73.31
CA VAL I 11 -59.97 3.94 73.89
CA LYS I 12 -62.02 6.62 72.15
CA LYS I 13 -65.64 7.69 71.51
CA PRO I 14 -66.96 8.27 67.99
CA GLY I 15 -66.03 11.75 66.86
CA ALA I 16 -62.90 11.94 68.99
CA SER I 17 -59.32 11.81 67.75
CA VAL I 18 -56.33 9.67 68.69
CA LYS I 19 -52.57 10.25 68.47
CA VAL I 20 -50.29 7.20 68.44
CA SER I 21 -46.53 7.47 68.89
CA CYS I 22 -43.75 5.30 67.54
CA LYS I 23 -40.26 5.57 69.02
CA ALA I 24 -37.33 4.43 66.85
CA SER I 25 -34.04 3.07 68.17
CA GLY I 26 -31.03 1.10 66.94
CA TYR I 27 -30.42 3.29 63.87
CA THR I 28 -30.07 6.95 62.90
CA PHE I 29 -33.63 8.31 62.77
CA THR I 30 -32.81 11.03 60.23
CA SER I 31 -30.74 10.97 57.05
CA GLY I 32 -29.31 14.46 56.62
CA HIS I 33 -27.49 13.74 53.29
CA THR I 34 -25.08 11.17 54.77
CA PHE I 35 -26.75 8.32 56.62
CA PRO I 36 -29.20 5.78 55.18
CA SER I 37 -32.67 7.26 54.90
CA TYR I 38 -35.71 5.50 56.38
CA ASP I 39 -39.32 6.66 56.31
CA ILE I 40 -42.03 5.79 58.83
CA ASN I 41 -45.21 4.32 57.34
CA TRP I 42 -48.42 3.53 59.20
CA VAL I 43 -50.58 0.44 58.61
CA ARG I 44 -53.71 -0.60 60.46
CA GLN I 45 -55.53 -3.91 60.81
CA ALA I 46 -59.02 -4.59 62.17
CA THR I 47 -59.28 -7.81 64.18
CA GLY I 48 -59.46 -10.71 61.76
CA GLN I 49 -59.16 -8.29 58.79
CA GLY I 50 -56.37 -7.41 56.40
CA LEU I 51 -53.67 -4.76 56.31
CA GLU I 52 -54.57 -1.25 55.23
CA TRP I 53 -52.02 1.43 54.41
CA MET I 54 -52.53 4.89 55.89
CA GLY I 55 -49.62 7.02 54.79
CA TRP I 56 -45.88 7.66 54.87
CA MET I 57 -43.66 10.18 56.63
CA ASN I 58 -40.03 11.02 55.98
CA PRO I 59 -38.77 12.13 59.42
CA ASN I 60 -36.03 14.33 57.90
CA ARG I 61 -38.11 17.17 56.48
CA GLY I 62 -41.33 15.84 57.93
CA ASN I 63 -42.99 15.63 54.51
CA THR I 64 -45.77 13.08 54.15
CA GLY I 65 -48.04 11.20 51.77
CA TYR I 66 -51.44 9.92 52.93
CA ALA I 67 -53.64 7.22 51.47
CA GLN I 68 -56.66 8.80 49.76
CA LYS I 69 -59.14 7.12 52.14
CA PHE I 70 -57.61 8.98 55.11
CA GLN I 71 -56.71 12.34 53.48
CA GLY I 72 -58.26 15.10 55.49
CA ARG I 73 -58.42 13.33 58.84
CA VAL I 74 -54.87 11.98 59.30
CA THR I 75 -51.66 13.79 60.23
CA MET I 76 -48.20 12.28 60.55
CA THR I 77 -45.60 14.30 62.45
CA ARG I 78 -42.40 13.70 64.41
CA ASN I 79 -40.32 15.05 67.28
CA THR I 80 -36.84 14.25 65.97
CA SER I 81 -35.15 15.05 69.28
CA ILE I 82 -36.74 11.94 70.83
CA ASN I 83 -36.74 9.77 67.67
CA THR I 84 -40.55 9.60 67.82
CA ALA I 85 -43.04 9.71 64.95
CA TYR I 86 -46.75 10.34 65.50
CA MET I 87 -49.98 9.44 63.74
CA GLU I 88 -53.15 11.37 64.55
CA LEU I 89 -56.53 10.23 63.22
CA SER I 90 -59.57 12.44 63.75
CA SER I 91 -63.34 11.99 63.36
CA LEU I 92 -62.95 8.47 64.77
CA ARG I 93 -65.65 5.99 63.69
CA SER I 94 -66.19 2.52 65.07
CA GLU I 95 -64.71 1.12 61.81
CA ASP I 96 -61.43 2.72 62.90
CA THR I 97 -61.23 0.13 65.69
CA ALA I 98 -58.01 -1.64 64.78
CA VAL I 99 -54.40 -2.29 65.57
CA TYR I 100 -52.27 0.55 64.19
CA TYR I 101 -48.70 -0.26 63.19
CA CYS I 102 -45.82 1.98 62.38
CA ALA I 103 -43.32 0.48 59.96
CA ARG I 104 -39.96 1.59 58.63
CA VAL I 105 -39.16 1.48 54.93
CA ARG I 106 -36.16 2.85 53.07
CA SER I 107 -36.95 6.33 51.84
CA GLY I 108 -38.36 6.47 48.34
CA THR I 109 -37.14 8.12 45.15
CA ASN I 110 -38.70 11.35 44.00
CA TYR I 111 -39.70 11.52 40.36
CA GLY I 112 -40.68 15.14 40.53
CA SER I 113 -43.88 15.14 42.56
CA TYR I 114 -44.17 11.32 42.41
CA TYR I 115 -42.82 9.16 45.20
CA TYR I 116 -41.55 5.62 44.56
CA TYR I 117 -40.79 2.92 47.15
CA TYR I 118 -38.56 0.00 46.19
CA TYR I 119 -38.16 -1.76 49.58
CA GLY I 120 -40.42 -3.53 52.04
CA MET I 121 -41.59 -2.53 55.48
CA ASP I 122 -38.57 -4.02 57.13
CA VAL I 123 -39.24 -3.29 60.84
CA TRP I 124 -42.68 -3.06 62.44
CA GLY I 125 -43.66 -1.67 65.80
CA GLN I 126 -45.59 -3.94 68.13
CA GLY I 127 -48.83 -2.25 67.18
CA THR I 128 -51.25 -0.06 69.11
CA THR I 129 -54.84 -1.05 69.74
CA VAL I 130 -57.37 1.72 69.21
CA THR I 131 -60.92 0.91 70.26
CA VAL I 132 -63.61 3.25 69.01
CA SER I 133 -67.04 2.65 70.49
CA SER I 134 -69.79 4.59 72.20
CA ALA I 135 -69.33 2.36 75.27
CA SER I 136 -67.82 3.68 78.48
CA THR I 137 -65.00 2.15 80.48
CA LYS I 138 -66.44 -0.36 82.97
CA GLY I 139 -64.76 -2.94 85.17
CA PRO I 140 -65.86 -6.57 85.12
CA SER I 141 -68.16 -8.53 87.35
CA VAL I 142 -66.38 -11.72 88.40
CA PHE I 143 -68.51 -14.80 88.96
CA PRO I 144 -67.12 -18.15 90.16
CA LEU I 145 -67.25 -21.15 87.84
CA ALA I 146 -67.59 -23.70 90.62
CA PRO I 147 -66.09 -27.19 90.31
CA SER I 148 -68.77 -29.87 90.46
CA SER I 149 -69.25 -33.50 89.42
CA LYS I 150 -70.26 -32.21 85.96
CA SER I 151 -66.94 -30.34 85.72
CA THR I 152 -65.03 -33.50 86.73
CA SER I 153 -63.62 -36.18 84.42
CA GLY I 154 -61.83 -38.92 86.36
CA GLY I 155 -59.17 -37.53 88.67
CA THR I 156 -59.28 -33.92 87.49
CA ALA I 157 -61.72 -31.10 88.23
CA ALA I 158 -62.24 -27.92 86.22
CA LEU I 159 -62.85 -24.64 88.04
CA GLY I 160 -62.74 -21.06 86.85
CA CYS I 161 -63.84 -17.44 86.87
CA LEU I 162 -66.27 -15.72 84.50
CA VAL I 163 -65.07 -12.17 83.84
CA LYS I 164 -68.23 -10.50 82.60
CA ASP I 165 -69.19 -7.22 80.96
CA TYR I 166 -66.02 -5.13 81.00
CA PHE I 167 -64.80 -2.39 78.68
CA PRO I 168 -62.44 -1.95 77.14
CA GLU I 169 -59.86 -4.68 76.60
CA PRO I 170 -57.77 -6.12 78.15
CA VAL I 171 -58.04 -8.02 81.42
CA THR I 172 -55.40 -10.32 82.81
CA VAL I 173 -56.15 -13.31 85.01
CA SER I 174 -53.76 -15.04 87.36
CA TRP I 175 -54.48 -17.77 89.88
CA ASN I 176 -53.26 -17.60 93.48
CA SER I 177 -51.28 -14.47 92.62
CA GLY I 178 -49.28 -16.26 89.94
CA ALA I 179 -48.26 -19.27 92.04
CA LEU I 180 -50.64 -21.55 90.11
CA THR I 181 -49.81 -21.81 86.40
CA SER I 182 -50.16 -25.51 85.56
CA GLY I 183 -53.49 -26.25 83.90
CA VAL I 184 -54.46 -22.58 83.65
CA HIS I 185 -56.04 -21.49 80.40
CA THR I 186 -57.43 -17.98 80.06
CA PHE I 187 -59.60 -17.76 76.94
CA PRO I 188 -59.83 -14.78 74.54
CA ALA I 189 -62.72 -12.37 74.99
CA VAL I 190 -66.06 -12.22 73.19
CA LEU I 191 -67.66 -8.90 72.31
CA GLN I 192 -71.40 -8.86 73.02
CA SER I 193 -73.98 -6.71 71.24
CA SER I 194 -73.94 -4.42 74.29
CA GLY I 195 -70.38 -3.38 73.39
CA LEU I 196 -69.08 -5.10 76.52
CA TYR I 197 -66.49 -7.87 76.62
CA SER I 198 -66.48 -11.15 78.56
CA LEU I 199 -63.80 -13.81 79.07
CA SER I 200 -63.17 -16.96 81.09
CA SER I 201 -60.18 -18.36 82.95
CA VAL I 202 -60.28 -22.03 83.88
CA VAL I 203 -57.87 -24.30 85.73
CA THR I 204 -57.76 -28.10 85.78
CA VAL I 205 -56.73 -29.48 89.17
CA PRO I 206 -56.71 -32.92 90.82
CA SER I 207 -60.12 -33.53 92.37
CA SER I 208 -58.50 -34.62 95.64
CA SER I 209 -56.97 -31.18 96.23
CA LEU I 210 -60.45 -29.60 96.14
CA GLY I 211 -60.56 -30.08 99.94
CA THR I 212 -56.91 -29.17 100.61
CA GLN I 213 -56.20 -26.05 98.51
CA THR I 214 -57.76 -22.62 98.08
CA TYR I 215 -58.26 -21.33 94.52
CA ILE I 216 -58.44 -17.58 93.95
CA CYS I 217 -58.52 -15.91 90.55
CA ASN I 218 -56.89 -12.48 90.49
CA VAL I 219 -58.60 -10.43 87.77
CA ASN I 220 -56.85 -7.26 86.62
CA HIS I 221 -58.65 -4.67 84.50
CA LYS I 222 -56.17 -1.82 84.27
CA PRO I 223 -58.32 0.36 81.92
CA SER I 224 -60.82 0.90 84.77
CA ASN I 225 -58.28 0.59 87.60
CA THR I 226 -60.18 -2.42 88.94
CA LYS I 227 -58.65 -5.43 90.62
CA VAL I 228 -60.90 -8.32 91.69
CA ASP I 229 -59.88 -11.35 93.77
CA LYS I 230 -62.48 -14.13 93.85
CA ARG I 231 -62.14 -17.43 95.67
CA VAL I 232 -63.66 -20.32 93.69
CA GLU I 233 -64.82 -23.24 95.79
CA PRO I 234 -67.19 -26.14 95.23
CA LYS I 235 -70.85 -25.98 96.23
CA SER J 1 -28.65 -36.03 11.28
CA TYR J 2 -25.64 -37.06 9.22
CA GLU J 3 -24.48 -35.07 6.23
CA LEU J 4 -22.73 -37.98 4.49
CA THR J 5 -24.69 -40.98 3.18
CA GLN J 6 -23.50 -44.51 3.85
CA PRO J 7 -25.53 -47.74 4.12
CA PRO J 8 -26.56 -48.54 7.68
CA SER J 9 -25.34 -52.14 7.38
CA ALA J 10 -23.12 -54.46 5.37
CA SER J 11 -22.27 -58.12 5.74
CA GLY J 12 -19.89 -60.74 4.44
CA THR J 13 -18.42 -64.16 5.05
CA PRO J 14 -14.70 -64.46 6.01
CA GLY J 15 -12.39 -64.00 3.04
CA GLN J 16 -14.88 -61.89 1.10
CA ARG J 17 -14.27 -58.31 0.01
CA VAL J 18 -16.75 -55.86 1.53
CA THR J 19 -17.05 -52.35 0.10
CA ILE J 20 -18.80 -49.43 1.83
CA SER J 21 -19.93 -46.42 -0.14
CA CYS J 22 -19.88 -42.89 1.23
CA SER J 23 -21.69 -40.22 -0.76
CA GLY J 24 -21.33 -36.49 -0.18
CA SER J 25 -21.55 -33.30 -2.19
CA SER J 26 -19.22 -30.87 -3.94
CA SER J 27 -18.55 -28.85 -0.79
CA ASN J 28 -17.17 -31.83 1.15
CA ILE J 29 -15.94 -34.94 -0.66
CA GLY J 30 -15.97 -33.11 -3.98
CA ASN J 31 -13.39 -30.51 -2.93
CA ASN J 32 -11.86 -32.13 0.20
CA TYR J 33 -11.10 -35.74 1.26
CA VAL J 34 -12.81 -38.85 2.56
CA HIS J 35 -11.48 -40.32 5.79
CA TRP J 36 -12.75 -43.49 7.44
CA TYR J 37 -12.96 -44.50 11.09
CA GLN J 38 -13.46 -47.96 12.56
CA GLN J 39 -15.23 -48.24 15.89
CA LEU J 40 -14.89 -51.63 17.53
CA PRO J 41 -17.62 -52.55 20.06
CA GLY J 42 -17.17 -50.63 23.29
CA SER J 43 -14.22 -48.72 21.83
CA ALA J 44 -13.36 -45.21 20.74
CA PRO J 45 -13.18 -44.65 16.97
CA LYS J 46 -9.79 -45.08 15.32
CA LEU J 47 -8.44 -43.61 12.09
CA LEU J 48 -8.53 -46.34 9.45
CA ILE J 49 -8.14 -44.52 6.10
CA TYR J 50 -7.30 -40.85 5.57
CA ARG J 51 -7.05 -38.61 2.52
CA ASN J 52 -9.10 -41.02 0.36
CA ASN J 53 -6.63 -43.92 0.28
CA GLN J 54 -3.81 -43.53 2.85
CA ARG J 55 -3.38 -46.12 5.60
CA PRO J 56 -2.13 -44.99 9.01
CA SER J 57 0.81 -46.90 10.36
CA GLY J 58 -0.42 -50.23 11.73
CA VAL J 59 -3.51 -50.57 9.50
CA PRO J 60 -3.16 -53.70 7.29
CA ASP J 61 -3.28 -53.25 3.51
CA ARG J 62 -6.42 -55.39 3.22
CA PHE J 63 -8.14 -52.08 4.09
CA SER J 64 -8.18 -49.68 1.16
CA GLY J 65 -9.98 -46.52 0.13
CA SER J 66 -10.84 -44.58 -2.97
CA LYS J 67 -12.64 -41.41 -3.95
CA SER J 68 -14.37 -40.46 -7.19
CA GLY J 69 -16.27 -37.19 -7.67
CA THR J 70 -18.52 -36.53 -4.67
CA SER J 71 -18.34 -40.11 -3.33
CA GLY J 72 -15.83 -42.48 -1.79
CA SER J 73 -15.47 -46.16 -1.07
CA LEU J 74 -13.95 -48.26 1.71
CA ALA J 75 -12.88 -51.77 0.69
CA ILE J 76 -12.25 -54.47 3.32
CA SER J 77 -10.38 -57.25 1.54
CA GLY J 78 -10.15 -60.64 3.17
CA LEU J 79 -12.90 -59.98 5.67
CA ARG J 80 -12.11 -61.21 9.17
CA SER J 81 -14.39 -61.78 12.16
CA GLU J 82 -12.65 -58.97 14.05
CA ASP J 83 -13.67 -56.64 11.19
CA GLU J 84 -17.17 -56.73 12.73
CA ALA J 85 -17.51 -53.08 13.69
CA ASP J 86 -19.04 -49.72 12.84
CA TYR J 87 -17.31 -47.76 10.06
CA TYR J 88 -17.73 -44.00 9.72
CA CYS J 89 -16.79 -41.88 6.77
CA ALA J 90 -15.97 -38.22 7.27
CA SER J 91 -15.10 -35.09 5.28
CA TRP J 92 -14.44 -31.37 5.83
CA ASP J 93 -17.24 -29.28 4.36
CA ASP J 94 -16.33 -25.69 3.43
CA SER J 95 -19.83 -24.26 3.14
CA LEU J 96 -20.01 -21.02 5.17
CA SER J 97 -17.62 -21.37 8.18
CA GLY J 98 -16.49 -24.95 7.58
CA HIS J 99 -17.46 -28.07 9.55
CA TRP J 100 -16.71 -31.80 9.73
CA VAL J 101 -19.42 -33.93 8.15
CA PHE J 102 -19.87 -37.61 8.96
CA GLY J 103 -21.66 -40.57 7.53
CA GLY J 104 -24.32 -42.13 9.71
CA GLY J 105 -22.11 -45.21 10.09
CA THR J 106 -22.16 -48.73 8.61
CA LYS J 107 -22.36 -51.74 10.90
CA VAL J 108 -20.39 -54.55 9.25
CA THR J 109 -21.49 -58.07 10.32
CA VAL J 110 -19.09 -60.92 9.63
CA LEU J 111 -21.05 -64.18 9.31
CA GLY J 112 -18.35 -66.64 9.85
CA GLN J 113 -19.41 -69.00 12.52
CA PRO J 114 -21.69 -71.97 13.01
CA LYS J 115 -25.23 -71.44 14.22
CA ALA J 116 -25.81 -71.80 17.97
CA ALA J 117 -29.14 -71.83 19.79
CA PRO J 118 -29.27 -69.61 22.89
CA SER J 119 -28.84 -70.82 26.45
CA VAL J 120 -31.63 -69.27 28.48
CA THR J 121 -31.52 -68.77 32.24
CA LEU J 122 -34.56 -67.30 34.01
CA PHE J 123 -34.32 -66.15 37.68
CA PRO J 124 -37.45 -65.44 39.74
CA PRO J 125 -37.59 -62.50 42.13
CA SER J 126 -35.47 -63.23 45.20
CA SER J 127 -37.05 -63.24 48.65
CA GLU J 128 -34.89 -60.21 49.48
CA GLU J 129 -36.33 -58.16 46.64
CA LEU J 130 -39.87 -59.26 47.49
CA GLN J 131 -39.26 -58.04 51.06
CA ALA J 132 -38.20 -54.72 49.54
CA ASN J 133 -41.66 -54.64 47.89
CA LYS J 134 -40.24 -55.08 44.39
CA ALA J 135 -40.06 -57.93 41.89
CA THR J 136 -37.78 -58.44 38.88
CA LEU J 137 -37.57 -61.44 36.58
CA VAL J 138 -34.09 -61.78 35.08
CA CYS J 139 -33.66 -63.67 31.80
CA LEU J 140 -30.01 -64.24 30.84
CA ILE J 141 -29.41 -65.36 27.24
CA SER J 142 -25.97 -66.52 26.14
CA ASP J 143 -24.01 -68.53 23.57
CA PHE J 144 -26.16 -67.83 20.50
CA TYR J 145 -25.12 -67.15 16.91
CA PRO J 146 -25.95 -65.12 14.87
CA GLY J 147 -26.50 -62.17 17.21
CA ALA J 148 -30.20 -61.50 16.65
CA VAL J 149 -32.84 -62.58 19.19
CA THR J 150 -36.29 -61.39 20.20
CA VAL J 151 -37.60 -61.81 23.75
CA ALA J 152 -41.27 -62.31 24.63
CA TRP J 153 -42.61 -62.42 28.19
CA LYS J 154 -45.65 -64.38 29.36
CA ALA J 155 -47.71 -64.14 32.53
CA ASP J 156 -49.14 -67.67 32.64
CA SER J 157 -49.88 -67.64 28.90
CA SER J 158 -50.61 -63.96 28.35
CA PRO J 159 -48.04 -61.65 26.77
CA VAL J 160 -46.59 -58.96 28.99
CA LYS J 161 -45.17 -55.82 27.39
CA ALA J 162 -45.17 -53.43 30.35
CA GLY J 163 -42.06 -53.07 32.48
CA VAL J 164 -39.84 -54.97 30.03
CA GLU J 165 -36.24 -53.89 29.46
CA THR J 166 -33.92 -55.91 27.26
CA THR J 167 -30.30 -55.17 26.32
CA THR J 168 -28.79 -55.23 22.83
CA PRO J 169 -26.82 -58.43 22.09
CA SER J 170 -23.02 -58.26 22.30
CA LYS J 171 -20.26 -60.69 21.42
CA GLN J 172 -18.52 -62.62 24.21
CA SER J 173 -14.98 -63.99 24.36
CA ASN J 174 -16.28 -67.33 23.06
CA ASN J 175 -17.29 -65.42 19.87
CA LYS J 176 -20.97 -66.07 20.61
CA TYR J 177 -23.52 -63.46 21.66
CA ALA J 178 -25.30 -62.69 24.91
CA ALA J 179 -28.23 -60.53 25.98
CA SER J 180 -30.47 -59.99 29.00
CA SER J 181 -34.09 -59.09 29.66
CA TYR J 182 -35.97 -57.80 32.70
CA LEU J 183 -39.62 -58.06 33.71
CA SER J 184 -40.54 -55.64 36.50
CA LEU J 185 -43.62 -56.59 38.50
CA THR J 186 -45.21 -55.73 41.79
CA PRO J 187 -45.07 -58.53 44.37
CA GLU J 188 -48.83 -58.90 44.02
CA GLN J 189 -48.62 -59.45 40.24
CA TRP J 190 -45.88 -62.03 40.74
CA LYS J 191 -47.98 -63.91 43.30
CA SER J 192 -51.19 -63.52 41.30
CA HIS J 193 -50.02 -65.87 38.51
CA ARG J 194 -49.17 -69.55 38.38
CA SER J 195 -46.10 -68.97 36.23
CA TYR J 196 -44.05 -66.55 34.14
CA SER J 197 -42.00 -67.41 31.08
CA CYS J 198 -39.13 -65.88 29.16
CA GLN J 199 -39.40 -66.97 25.53
CA VAL J 200 -36.35 -66.39 23.36
CA THR J 201 -36.74 -66.68 19.59
CA HIS J 202 -33.58 -67.17 17.51
CA GLU J 203 -33.57 -68.02 13.78
CA GLY J 204 -37.17 -69.23 13.87
CA SER J 205 -36.81 -71.46 16.95
CA THR J 206 -38.06 -70.55 20.42
CA VAL J 207 -36.37 -71.52 23.70
CA GLU J 208 -38.57 -71.02 26.76
CA LYS J 209 -37.88 -70.90 30.49
CA THR J 210 -40.59 -70.70 33.15
CA VAL J 211 -40.64 -69.81 36.85
CA ALA J 212 -43.39 -70.04 39.45
CA PRO J 213 -43.96 -68.27 42.78
CA THR J 214 -44.16 -71.68 44.48
#